data_4FEZ
#
_entry.id   4FEZ
#
_cell.length_a   110.005
_cell.length_b   110.005
_cell.length_c   166.817
_cell.angle_alpha   90.000
_cell.angle_beta   90.000
_cell.angle_gamma   90.000
#
_symmetry.space_group_name_H-M   'P 4 21 2'
#
loop_
_entity.id
_entity.type
_entity.pdbx_description
1 polymer "Inosine-5'-monophosphate dehydrogenase"
2 non-polymer DI(HYDROXYETHYL)ETHER
3 non-polymer 1,2-ETHANEDIOL
4 non-polymer 'FORMIC ACID'
5 water water
#
_entity_poly.entity_id   1
_entity_poly.type   'polypeptide(L)'
_entity_poly.pdbx_seq_one_letter_code
;SNAMHMLRIAKEALTFDDVLLVPAHSTVLPNTADLRTRLTKNIALNIPMVSASMDTVTEARLAIALAQEGGIGFIHKNMS
IEQQAAQVHQVKIFESGGAKDFHKAESKPNACKDEQGRLRVGAAVGAAPGNEERVKALVEAGVDVLLIDSSHGHSEGVLQ
RIRETRAAYPHLEIIGGNVATAEGARALIEAGVSAVKVGIGPGSICTTRIVTGVGVPQITAIADAAGVANEYGIPVIADG
GIRFSGDISKAIAAGASCVMVGSMFAGTEEAPGEVILYQGRSYKAYRGMGSLGAMSKGSSDRYFQTDNAADKLVPEGIEG
RIAYKGHLKEIIHQQMGGLRSCMGLTGSATVEDLRTKAQFVRISGAGMKESHVHDVQITKEAPNYRLG
;
_entity_poly.pdbx_strand_id   A,B
#
# COMPACT_ATOMS: atom_id res chain seq x y z
N MET A 6 2.63 -35.66 -42.36
CA MET A 6 4.02 -35.12 -42.63
C MET A 6 4.60 -34.37 -41.41
N LEU A 7 3.91 -33.35 -40.97
CA LEU A 7 4.25 -32.62 -39.77
C LEU A 7 4.08 -33.51 -38.52
N ARG A 8 5.02 -33.51 -37.63
CA ARG A 8 4.97 -34.39 -36.47
C ARG A 8 4.22 -33.70 -35.32
N ILE A 9 2.89 -33.79 -35.36
CA ILE A 9 2.06 -33.19 -34.33
C ILE A 9 1.60 -34.26 -33.35
N ALA A 10 2.03 -34.17 -32.11
CA ALA A 10 1.71 -35.19 -31.09
C ALA A 10 0.23 -35.10 -30.76
N LYS A 11 -0.37 -33.90 -30.73
CA LYS A 11 -1.78 -33.74 -30.31
C LYS A 11 -2.08 -32.26 -30.24
N GLU A 12 -3.32 -31.95 -30.03
CA GLU A 12 -3.76 -30.61 -29.80
C GLU A 12 -3.67 -30.34 -28.28
N ALA A 13 -3.36 -29.13 -27.86
CA ALA A 13 -3.14 -28.88 -26.45
C ALA A 13 -3.95 -27.66 -26.04
N LEU A 14 -4.53 -27.72 -24.86
CA LEU A 14 -5.48 -26.72 -24.42
C LEU A 14 -4.90 -25.86 -23.28
N THR A 15 -5.28 -24.59 -23.30
CA THR A 15 -4.91 -23.70 -22.19
C THR A 15 -6.16 -23.29 -21.41
N PHE A 16 -5.99 -22.50 -20.36
CA PHE A 16 -7.08 -22.14 -19.48
C PHE A 16 -8.27 -21.54 -20.22
N ASP A 17 -8.00 -20.65 -21.18
CA ASP A 17 -9.08 -20.01 -21.87
C ASP A 17 -9.85 -20.91 -22.85
N ASP A 18 -9.35 -22.11 -23.13
CA ASP A 18 -10.04 -22.98 -24.06
C ASP A 18 -11.21 -23.76 -23.32
N VAL A 19 -11.25 -23.71 -21.98
CA VAL A 19 -12.16 -24.51 -21.23
C VAL A 19 -12.90 -23.77 -20.13
N LEU A 20 -14.08 -24.29 -19.74
CA LEU A 20 -14.84 -23.81 -18.60
C LEU A 20 -15.35 -24.99 -17.82
N LEU A 21 -15.53 -24.83 -16.50
CA LEU A 21 -16.07 -25.91 -15.66
C LEU A 21 -17.60 -25.93 -15.75
N VAL A 22 -18.20 -27.13 -15.63
CA VAL A 22 -19.59 -27.31 -15.80
C VAL A 22 -20.28 -27.32 -14.48
N PRO A 23 -21.33 -26.52 -14.31
CA PRO A 23 -22.06 -26.62 -13.03
C PRO A 23 -22.79 -27.98 -12.87
N ALA A 24 -22.99 -28.44 -11.63
CA ALA A 24 -23.49 -29.77 -11.37
C ALA A 24 -24.32 -29.74 -10.08
N HIS A 25 -25.12 -30.78 -9.89
CA HIS A 25 -25.80 -30.96 -8.65
C HIS A 25 -24.84 -30.81 -7.47
N SER A 26 -25.28 -30.01 -6.49
CA SER A 26 -24.44 -29.62 -5.39
C SER A 26 -25.18 -29.56 -4.05
N THR A 27 -24.53 -30.14 -3.04
CA THR A 27 -24.90 -29.94 -1.66
C THR A 27 -23.79 -29.16 -0.95
N VAL A 28 -22.92 -28.46 -1.67
CA VAL A 28 -21.77 -27.73 -1.14
C VAL A 28 -22.05 -26.22 -1.28
N LEU A 29 -21.93 -25.51 -0.17
CA LEU A 29 -21.92 -24.08 -0.20
C LEU A 29 -20.48 -23.55 -0.20
N PRO A 30 -20.28 -22.37 -0.74
CA PRO A 30 -18.92 -21.86 -0.69
C PRO A 30 -18.23 -21.93 0.67
N ASN A 31 -18.93 -21.58 1.73
CA ASN A 31 -18.35 -21.60 3.07
CA ASN A 31 -18.37 -21.60 3.07
C ASN A 31 -18.21 -22.99 3.66
N THR A 32 -18.75 -24.03 3.06
CA THR A 32 -18.51 -25.42 3.61
C THR A 32 -17.53 -26.22 2.73
N ALA A 33 -17.08 -25.66 1.60
CA ALA A 33 -16.10 -26.32 0.75
C ALA A 33 -14.83 -26.57 1.62
N ASP A 34 -14.21 -27.72 1.43
CA ASP A 34 -13.03 -28.08 2.21
C ASP A 34 -11.82 -27.86 1.29
N LEU A 35 -10.95 -26.86 1.58
CA LEU A 35 -9.82 -26.55 0.74
C LEU A 35 -8.52 -27.39 0.97
N ARG A 36 -8.59 -28.39 1.82
CA ARG A 36 -7.39 -29.17 2.10
C ARG A 36 -6.95 -29.97 0.91
N THR A 37 -5.65 -30.22 0.82
CA THR A 37 -5.13 -30.96 -0.25
C THR A 37 -3.71 -31.43 0.08
N ARG A 38 -2.92 -31.76 -0.93
CA ARG A 38 -1.54 -32.24 -0.70
C ARG A 38 -0.60 -31.42 -1.54
N LEU A 39 0.54 -31.08 -0.97
CA LEU A 39 1.69 -30.55 -1.72
C LEU A 39 2.56 -31.71 -2.23
N THR A 40 2.85 -32.67 -1.36
CA THR A 40 3.66 -33.78 -1.72
C THR A 40 2.99 -34.99 -1.18
N LYS A 41 3.58 -36.11 -1.53
CA LYS A 41 3.10 -37.31 -1.06
C LYS A 41 2.83 -37.35 0.46
N ASN A 42 3.68 -36.77 1.30
CA ASN A 42 3.52 -36.83 2.76
C ASN A 42 3.28 -35.45 3.37
N ILE A 43 3.09 -34.41 2.58
CA ILE A 43 2.78 -33.08 3.16
C ILE A 43 1.39 -32.59 2.70
N ALA A 44 0.51 -32.37 3.67
CA ALA A 44 -0.84 -31.81 3.53
C ALA A 44 -0.74 -30.26 3.49
N LEU A 45 -1.66 -29.63 2.78
CA LEU A 45 -1.83 -28.20 2.80
C LEU A 45 -3.25 -27.97 3.28
N ASN A 46 -3.50 -26.82 3.89
CA ASN A 46 -4.87 -26.39 4.13
C ASN A 46 -5.54 -25.55 3.03
N ILE A 47 -4.75 -24.91 2.19
CA ILE A 47 -5.26 -24.31 0.99
C ILE A 47 -4.37 -24.73 -0.15
N PRO A 48 -4.88 -24.74 -1.38
CA PRO A 48 -4.05 -25.17 -2.48
C PRO A 48 -3.17 -24.13 -3.16
N MET A 49 -2.35 -23.44 -2.38
CA MET A 49 -1.49 -22.39 -2.87
C MET A 49 -0.13 -22.53 -2.22
N VAL A 50 0.93 -22.44 -3.02
CA VAL A 50 2.27 -22.35 -2.54
C VAL A 50 2.90 -21.18 -3.27
N SER A 51 3.94 -20.57 -2.69
CA SER A 51 4.53 -19.41 -3.33
C SER A 51 5.82 -19.78 -4.01
N ALA A 52 6.10 -19.12 -5.13
CA ALA A 52 7.31 -19.34 -5.94
C ALA A 52 8.58 -18.94 -5.19
N SER A 53 9.66 -19.63 -5.51
CA SER A 53 10.98 -19.34 -5.00
C SER A 53 11.63 -18.24 -5.82
N MET A 54 11.00 -17.10 -5.80
CA MET A 54 11.49 -15.88 -6.50
C MET A 54 11.89 -14.87 -5.46
N ASP A 55 12.92 -14.06 -5.73
CA ASP A 55 13.41 -13.14 -4.76
C ASP A 55 12.56 -11.88 -4.55
N THR A 56 11.53 -11.68 -5.35
CA THR A 56 10.54 -10.66 -5.11
C THR A 56 9.31 -11.22 -4.44
N VAL A 57 9.28 -12.53 -4.14
CA VAL A 57 8.08 -13.17 -3.62
C VAL A 57 8.27 -13.80 -2.24
N THR A 58 9.23 -14.74 -2.10
CA THR A 58 9.31 -15.48 -0.89
C THR A 58 10.63 -15.38 -0.10
N GLU A 59 10.58 -14.71 1.02
CA GLU A 59 11.54 -14.91 2.09
C GLU A 59 10.75 -15.32 3.33
N ALA A 60 11.38 -15.29 4.49
CA ALA A 60 10.81 -15.88 5.68
C ALA A 60 9.49 -15.23 6.03
N ARG A 61 9.43 -13.92 5.98
CA ARG A 61 8.22 -13.22 6.36
C ARG A 61 7.00 -13.61 5.52
N LEU A 62 7.17 -13.71 4.20
CA LEU A 62 6.00 -14.12 3.40
C LEU A 62 5.75 -15.62 3.70
N ALA A 63 6.83 -16.41 3.82
CA ALA A 63 6.67 -17.85 4.04
C ALA A 63 5.83 -18.07 5.36
N ILE A 64 6.14 -17.29 6.39
CA ILE A 64 5.36 -17.34 7.67
C ILE A 64 3.90 -16.99 7.42
N ALA A 65 3.67 -15.86 6.74
CA ALA A 65 2.33 -15.39 6.56
C ALA A 65 1.52 -16.38 5.71
N LEU A 66 2.12 -16.95 4.69
CA LEU A 66 1.41 -17.92 3.88
C LEU A 66 1.08 -19.21 4.65
N ALA A 67 2.08 -19.69 5.38
CA ALA A 67 1.86 -20.87 6.21
C ALA A 67 0.75 -20.63 7.20
N GLN A 68 0.70 -19.46 7.80
CA GLN A 68 -0.40 -19.18 8.70
C GLN A 68 -1.79 -19.27 8.05
N GLU A 69 -1.91 -18.97 6.75
CA GLU A 69 -3.19 -19.02 6.00
C GLU A 69 -3.44 -20.41 5.42
N GLY A 70 -2.46 -21.29 5.57
CA GLY A 70 -2.58 -22.68 5.17
C GLY A 70 -1.77 -23.16 3.94
N GLY A 71 -0.96 -22.30 3.36
CA GLY A 71 -0.09 -22.71 2.23
C GLY A 71 1.32 -22.96 2.73
N ILE A 72 2.26 -23.01 1.81
CA ILE A 72 3.65 -23.17 2.11
C ILE A 72 4.47 -22.28 1.18
N GLY A 73 5.45 -21.60 1.72
CA GLY A 73 6.30 -20.81 0.86
C GLY A 73 7.65 -21.47 0.61
N PHE A 74 8.20 -21.24 -0.59
CA PHE A 74 9.54 -21.68 -0.94
C PHE A 74 10.59 -20.56 -0.91
N ILE A 75 11.41 -20.55 0.11
CA ILE A 75 12.43 -19.55 0.26
C ILE A 75 13.41 -19.62 -0.91
N HIS A 76 13.72 -18.48 -1.50
CA HIS A 76 14.52 -18.43 -2.73
C HIS A 76 15.95 -18.60 -2.47
N LYS A 77 16.68 -19.00 -3.52
CA LYS A 77 18.12 -19.38 -3.37
C LYS A 77 19.09 -18.26 -3.69
N ASN A 78 18.61 -17.08 -4.03
CA ASN A 78 19.51 -15.96 -4.34
C ASN A 78 19.99 -15.21 -3.10
N MET A 79 20.76 -15.93 -2.29
CA MET A 79 21.32 -15.42 -1.06
C MET A 79 22.32 -16.48 -0.61
N SER A 80 23.11 -16.21 0.42
CA SER A 80 24.08 -17.19 0.86
C SER A 80 23.43 -18.43 1.51
N ILE A 81 24.21 -19.51 1.62
CA ILE A 81 23.73 -20.73 2.27
C ILE A 81 23.26 -20.39 3.68
N GLU A 82 24.11 -19.71 4.40
CA GLU A 82 23.81 -19.33 5.76
C GLU A 82 22.52 -18.50 5.86
N GLN A 83 22.33 -17.51 4.99
CA GLN A 83 21.11 -16.70 5.02
C GLN A 83 19.91 -17.61 4.70
N GLN A 84 20.03 -18.48 3.72
CA GLN A 84 18.89 -19.31 3.34
C GLN A 84 18.47 -20.24 4.50
N ALA A 85 19.44 -20.87 5.13
CA ALA A 85 19.18 -21.72 6.28
C ALA A 85 18.63 -20.96 7.42
N ALA A 86 19.11 -19.72 7.66
CA ALA A 86 18.60 -18.91 8.78
C ALA A 86 17.13 -18.53 8.48
N GLN A 87 16.78 -18.29 7.22
CA GLN A 87 15.39 -17.98 6.95
CA GLN A 87 15.38 -17.99 6.86
C GLN A 87 14.44 -19.19 7.12
N VAL A 88 14.90 -20.39 6.73
CA VAL A 88 14.15 -21.59 6.97
C VAL A 88 13.96 -21.74 8.47
N HIS A 89 15.03 -21.61 9.24
CA HIS A 89 14.96 -21.76 10.67
C HIS A 89 13.99 -20.77 11.33
N GLN A 90 14.00 -19.53 10.85
CA GLN A 90 13.14 -18.44 11.34
C GLN A 90 11.68 -18.83 11.14
N VAL A 91 11.32 -19.49 10.02
CA VAL A 91 9.94 -19.92 9.85
C VAL A 91 9.56 -21.06 10.83
N LYS A 92 10.46 -22.02 11.00
CA LYS A 92 10.23 -23.19 11.84
C LYS A 92 10.08 -22.83 13.32
N ILE A 93 10.78 -21.80 13.79
CA ILE A 93 10.66 -21.48 15.20
C ILE A 93 9.61 -20.41 15.41
N PHE A 94 8.90 -19.94 14.37
CA PHE A 94 7.96 -18.84 14.59
C PHE A 94 6.81 -19.32 15.47
N GLU A 95 6.39 -18.54 16.47
CA GLU A 95 5.29 -18.98 17.33
CA GLU A 95 5.29 -18.93 17.40
C GLU A 95 3.95 -18.25 17.08
N SER A 107 -5.86 -17.69 16.79
CA SER A 107 -6.06 -16.65 15.78
C SER A 107 -5.75 -17.09 14.34
N LYS A 108 -4.96 -18.17 14.17
CA LYS A 108 -4.70 -18.78 12.79
C LYS A 108 -5.10 -20.26 12.71
N PRO A 109 -6.41 -20.52 12.72
CA PRO A 109 -6.85 -21.93 12.78
C PRO A 109 -6.49 -22.77 11.52
N ASN A 110 -6.21 -22.13 10.40
CA ASN A 110 -5.86 -22.85 9.17
C ASN A 110 -4.35 -23.00 8.93
N ALA A 111 -3.54 -22.66 9.91
CA ALA A 111 -2.10 -22.71 9.74
C ALA A 111 -1.67 -24.07 9.28
N CYS A 112 -0.82 -24.10 8.26
CA CYS A 112 -0.13 -25.29 7.80
C CYS A 112 1.11 -25.67 8.61
N LYS A 113 1.00 -26.73 9.41
CA LYS A 113 2.08 -27.11 10.36
C LYS A 113 2.53 -28.56 10.18
N ASP A 114 3.75 -28.82 10.58
CA ASP A 114 4.22 -30.18 10.57
C ASP A 114 3.66 -31.03 11.75
N GLU A 115 4.16 -32.26 11.88
CA GLU A 115 3.82 -33.23 12.93
CA GLU A 115 3.68 -33.16 12.98
C GLU A 115 4.22 -32.67 14.32
N GLN A 116 5.17 -31.75 14.35
CA GLN A 116 5.69 -31.18 15.57
C GLN A 116 5.08 -29.86 15.90
N GLY A 117 4.00 -29.50 15.21
CA GLY A 117 3.37 -28.24 15.50
C GLY A 117 4.13 -26.98 14.97
N ARG A 118 5.11 -27.12 14.10
CA ARG A 118 5.81 -25.96 13.54
CA ARG A 118 5.81 -25.95 13.54
C ARG A 118 5.33 -25.61 12.15
N LEU A 119 5.29 -24.32 11.83
CA LEU A 119 4.90 -23.85 10.49
C LEU A 119 5.75 -24.55 9.45
N ARG A 120 5.13 -25.03 8.38
CA ARG A 120 5.88 -25.67 7.28
C ARG A 120 6.55 -24.62 6.45
N VAL A 121 7.67 -25.02 5.80
CA VAL A 121 8.41 -24.14 4.89
C VAL A 121 9.16 -24.99 3.89
N GLY A 122 9.31 -24.46 2.69
CA GLY A 122 10.11 -25.08 1.68
C GLY A 122 11.27 -24.21 1.30
N ALA A 123 12.19 -24.76 0.51
CA ALA A 123 13.31 -23.93 0.06
C ALA A 123 13.78 -24.46 -1.24
N ALA A 124 14.28 -23.57 -2.10
CA ALA A 124 14.71 -23.98 -3.42
C ALA A 124 16.23 -24.06 -3.47
N VAL A 125 16.73 -24.96 -4.33
CA VAL A 125 18.08 -25.01 -4.77
C VAL A 125 18.14 -25.23 -6.28
N GLY A 126 19.28 -24.96 -6.86
CA GLY A 126 19.43 -25.16 -8.33
C GLY A 126 19.80 -26.65 -8.57
N ALA A 127 19.82 -27.06 -9.82
CA ALA A 127 20.08 -28.40 -10.25
C ALA A 127 21.51 -28.58 -10.74
N ALA A 128 22.33 -27.54 -10.65
CA ALA A 128 23.76 -27.67 -11.05
C ALA A 128 24.47 -28.48 -10.02
N PRO A 129 25.59 -29.15 -10.43
CA PRO A 129 26.49 -29.80 -9.44
C PRO A 129 26.97 -28.78 -8.43
N GLY A 130 27.33 -29.21 -7.23
CA GLY A 130 27.86 -28.29 -6.24
C GLY A 130 26.90 -27.61 -5.29
N ASN A 131 25.66 -28.06 -5.24
CA ASN A 131 24.66 -27.51 -4.32
C ASN A 131 24.52 -28.36 -3.09
N GLU A 132 25.38 -29.36 -2.93
CA GLU A 132 25.30 -30.27 -1.80
C GLU A 132 25.35 -29.61 -0.45
N GLU A 133 26.20 -28.62 -0.31
CA GLU A 133 26.41 -27.93 0.96
CA GLU A 133 26.39 -27.97 0.97
C GLU A 133 25.13 -27.17 1.30
N ARG A 134 24.54 -26.54 0.29
CA ARG A 134 23.31 -25.82 0.50
C ARG A 134 22.17 -26.77 0.96
N VAL A 135 21.96 -27.87 0.28
CA VAL A 135 20.93 -28.83 0.67
C VAL A 135 21.16 -29.27 2.10
N LYS A 136 22.40 -29.54 2.44
CA LYS A 136 22.68 -30.07 3.78
C LYS A 136 22.30 -28.99 4.80
N ALA A 137 22.62 -27.72 4.53
CA ALA A 137 22.33 -26.68 5.54
C ALA A 137 20.78 -26.52 5.65
N LEU A 138 20.06 -26.71 4.53
CA LEU A 138 18.68 -26.46 4.55
C LEU A 138 17.99 -27.57 5.34
N VAL A 139 18.43 -28.81 5.16
CA VAL A 139 17.81 -29.93 5.84
C VAL A 139 18.12 -29.85 7.30
N GLU A 140 19.33 -29.45 7.66
CA GLU A 140 19.67 -29.31 9.08
C GLU A 140 18.92 -28.15 9.71
N ALA A 141 18.53 -27.13 8.95
CA ALA A 141 17.72 -26.04 9.54
C ALA A 141 16.24 -26.43 9.69
N GLY A 142 15.86 -27.60 9.22
CA GLY A 142 14.50 -28.16 9.47
C GLY A 142 13.56 -27.97 8.28
N VAL A 143 14.06 -27.84 7.08
CA VAL A 143 13.18 -27.55 5.95
C VAL A 143 12.25 -28.74 5.75
N ASP A 144 10.98 -28.46 5.40
CA ASP A 144 10.01 -29.53 5.23
C ASP A 144 10.09 -30.15 3.83
N VAL A 145 10.45 -29.36 2.83
CA VAL A 145 10.43 -29.79 1.45
C VAL A 145 11.44 -28.98 0.67
N LEU A 146 12.23 -29.70 -0.13
CA LEU A 146 13.26 -29.16 -0.95
C LEU A 146 12.77 -29.10 -2.38
N LEU A 147 12.87 -27.93 -2.99
CA LEU A 147 12.50 -27.79 -4.39
C LEU A 147 13.79 -27.70 -5.20
N ILE A 148 13.96 -28.60 -6.13
CA ILE A 148 15.09 -28.52 -7.07
C ILE A 148 14.52 -27.83 -8.27
N ASP A 149 14.76 -26.55 -8.48
CA ASP A 149 14.08 -25.94 -9.63
CA ASP A 149 14.11 -25.91 -9.61
C ASP A 149 15.01 -25.82 -10.81
N SER A 150 14.40 -25.97 -11.96
CA SER A 150 15.06 -25.98 -13.23
CA SER A 150 15.08 -25.90 -13.20
C SER A 150 14.11 -25.47 -14.29
N SER A 151 14.65 -24.88 -15.33
CA SER A 151 13.82 -24.56 -16.50
C SER A 151 13.57 -25.84 -17.38
N HIS A 152 14.23 -26.98 -17.10
CA HIS A 152 13.90 -28.20 -17.88
C HIS A 152 14.05 -29.46 -17.07
N GLY A 153 12.99 -29.84 -16.42
CA GLY A 153 12.97 -31.02 -15.56
C GLY A 153 13.21 -32.33 -16.26
N HIS A 154 13.06 -32.41 -17.60
CA HIS A 154 13.34 -33.63 -18.31
C HIS A 154 14.82 -33.65 -18.77
N SER A 155 15.61 -32.68 -18.38
CA SER A 155 17.03 -32.68 -18.69
C SER A 155 17.69 -33.79 -17.81
N GLU A 156 18.57 -34.56 -18.42
CA GLU A 156 19.24 -35.69 -17.73
C GLU A 156 20.00 -35.23 -16.47
N GLY A 157 20.71 -34.11 -16.56
CA GLY A 157 21.44 -33.56 -15.42
C GLY A 157 20.54 -33.23 -14.25
N VAL A 158 19.35 -32.75 -14.51
CA VAL A 158 18.39 -32.50 -13.44
C VAL A 158 17.88 -33.81 -12.82
N LEU A 159 17.54 -34.77 -13.65
CA LEU A 159 17.09 -36.07 -13.19
C LEU A 159 18.22 -36.66 -12.29
N GLN A 160 19.47 -36.55 -12.75
CA GLN A 160 20.62 -37.09 -12.03
C GLN A 160 20.76 -36.42 -10.65
N ARG A 161 20.58 -35.10 -10.62
CA ARG A 161 20.71 -34.38 -9.34
C ARG A 161 19.62 -34.75 -8.40
N ILE A 162 18.42 -34.99 -8.93
CA ILE A 162 17.33 -35.42 -8.10
C ILE A 162 17.64 -36.82 -7.52
N ARG A 163 18.09 -37.73 -8.34
CA ARG A 163 18.37 -39.06 -7.86
C ARG A 163 19.47 -39.01 -6.77
N GLU A 164 20.49 -38.18 -6.96
CA GLU A 164 21.56 -38.08 -5.95
C GLU A 164 21.00 -37.57 -4.63
N THR A 165 20.04 -36.64 -4.69
CA THR A 165 19.51 -36.01 -3.49
C THR A 165 18.59 -36.97 -2.79
N ARG A 166 17.80 -37.72 -3.54
CA ARG A 166 16.90 -38.74 -2.96
C ARG A 166 17.71 -39.83 -2.25
N ALA A 167 18.85 -40.22 -2.85
CA ALA A 167 19.69 -41.22 -2.23
C ALA A 167 20.33 -40.71 -0.95
N ALA A 168 20.79 -39.45 -0.92
CA ALA A 168 21.46 -38.86 0.25
C ALA A 168 20.42 -38.57 1.37
N TYR A 169 19.15 -38.34 1.01
CA TYR A 169 18.08 -37.96 1.98
C TYR A 169 16.82 -38.77 1.67
N PRO A 170 16.85 -40.07 1.98
CA PRO A 170 15.73 -40.90 1.60
C PRO A 170 14.37 -40.50 2.14
N HIS A 171 14.30 -39.74 3.23
CA HIS A 171 13.01 -39.34 3.77
C HIS A 171 12.72 -37.87 3.55
N LEU A 172 13.52 -37.15 2.76
CA LEU A 172 13.25 -35.73 2.47
C LEU A 172 12.20 -35.59 1.35
N GLU A 173 11.14 -34.82 1.59
CA GLU A 173 10.16 -34.52 0.53
C GLU A 173 10.87 -33.63 -0.47
N ILE A 174 10.86 -34.04 -1.72
CA ILE A 174 11.54 -33.36 -2.82
C ILE A 174 10.55 -33.08 -3.94
N ILE A 175 10.47 -31.82 -4.37
CA ILE A 175 9.71 -31.46 -5.55
C ILE A 175 10.66 -31.25 -6.69
N GLY A 176 10.41 -31.90 -7.83
CA GLY A 176 11.21 -31.70 -9.01
C GLY A 176 10.34 -31.07 -10.11
N GLY A 177 10.96 -30.29 -10.96
CA GLY A 177 10.21 -29.67 -12.07
C GLY A 177 11.13 -28.84 -12.90
N ASN A 178 10.65 -28.21 -13.97
CA ASN A 178 9.31 -28.31 -14.49
C ASN A 178 9.24 -29.23 -15.69
N VAL A 179 8.13 -29.94 -15.83
CA VAL A 179 7.85 -30.74 -16.96
C VAL A 179 6.46 -30.35 -17.48
N ALA A 180 6.13 -30.88 -18.65
CA ALA A 180 4.87 -30.51 -19.28
C ALA A 180 4.28 -31.70 -20.06
N THR A 181 4.79 -32.90 -19.77
CA THR A 181 4.39 -34.07 -20.51
C THR A 181 4.26 -35.24 -19.56
N ALA A 182 3.55 -36.28 -20.03
CA ALA A 182 3.44 -37.57 -19.33
C ALA A 182 4.84 -38.14 -19.06
N GLU A 183 5.64 -38.25 -20.11
CA GLU A 183 6.97 -38.87 -20.00
C GLU A 183 7.89 -38.08 -19.10
N GLY A 184 7.78 -36.75 -19.05
CA GLY A 184 8.59 -35.97 -18.16
C GLY A 184 8.18 -36.21 -16.68
N ALA A 185 6.89 -36.35 -16.46
CA ALA A 185 6.37 -36.62 -15.11
C ALA A 185 6.87 -38.00 -14.68
N ARG A 186 6.82 -38.99 -15.57
CA ARG A 186 7.24 -40.30 -15.21
CA ARG A 186 7.26 -40.33 -15.29
C ARG A 186 8.75 -40.35 -14.89
N ALA A 187 9.55 -39.62 -15.65
CA ALA A 187 10.99 -39.57 -15.43
C ALA A 187 11.30 -39.00 -14.04
N LEU A 188 10.59 -37.92 -13.70
CA LEU A 188 10.81 -37.28 -12.36
C LEU A 188 10.39 -38.25 -11.25
N ILE A 189 9.29 -38.97 -11.46
CA ILE A 189 8.87 -39.96 -10.49
C ILE A 189 9.85 -41.09 -10.33
N GLU A 190 10.44 -41.52 -11.44
CA GLU A 190 11.44 -42.54 -11.43
C GLU A 190 12.80 -42.06 -10.86
N ALA A 191 13.00 -40.75 -10.84
CA ALA A 191 14.22 -40.15 -10.23
C ALA A 191 14.03 -39.99 -8.69
N GLY A 192 12.82 -40.11 -8.19
CA GLY A 192 12.57 -40.09 -6.77
C GLY A 192 11.79 -38.88 -6.22
N VAL A 193 11.16 -38.05 -7.06
CA VAL A 193 10.47 -36.89 -6.51
C VAL A 193 9.21 -37.32 -5.68
N SER A 194 8.79 -36.43 -4.80
CA SER A 194 7.63 -36.59 -3.95
C SER A 194 6.46 -35.82 -4.54
N ALA A 195 6.69 -34.94 -5.51
CA ALA A 195 5.66 -34.19 -6.25
C ALA A 195 6.27 -33.75 -7.58
N VAL A 196 5.42 -33.55 -8.58
CA VAL A 196 5.87 -33.11 -9.96
C VAL A 196 5.32 -31.72 -10.18
N LYS A 197 6.20 -30.76 -10.49
CA LYS A 197 5.80 -29.40 -10.79
C LYS A 197 5.76 -29.21 -12.32
N VAL A 198 4.68 -28.60 -12.78
CA VAL A 198 4.38 -28.60 -14.15
C VAL A 198 4.28 -27.20 -14.67
N GLY A 199 4.93 -26.96 -15.80
CA GLY A 199 4.82 -25.64 -16.45
C GLY A 199 6.06 -25.37 -17.29
N ILE A 200 5.97 -25.61 -18.60
CA ILE A 200 7.01 -25.25 -19.59
C ILE A 200 6.32 -24.38 -20.64
N GLY A 201 6.70 -23.09 -20.68
CA GLY A 201 6.03 -22.12 -21.53
C GLY A 201 4.54 -22.11 -21.38
N PRO A 202 4.06 -22.08 -20.12
CA PRO A 202 2.63 -22.18 -19.80
C PRO A 202 1.83 -20.94 -20.15
N GLY A 203 2.47 -19.76 -20.13
CA GLY A 203 1.84 -18.50 -20.54
C GLY A 203 1.72 -18.26 -22.02
N SER A 204 0.57 -17.74 -22.39
CA SER A 204 0.26 -17.53 -23.80
C SER A 204 1.22 -16.68 -24.53
N ILE A 205 1.79 -15.64 -23.96
CA ILE A 205 2.84 -15.00 -24.80
C ILE A 205 4.23 -14.89 -24.12
N CYS A 206 4.59 -15.87 -23.30
CA CYS A 206 5.79 -15.80 -22.51
C CYS A 206 7.04 -15.88 -23.34
N THR A 207 8.13 -15.52 -22.69
CA THR A 207 9.46 -15.43 -23.28
C THR A 207 9.96 -16.77 -23.82
N THR A 208 9.75 -17.83 -23.10
CA THR A 208 10.13 -19.15 -23.53
C THR A 208 9.51 -19.47 -24.91
N ARG A 209 8.22 -19.21 -25.07
CA ARG A 209 7.57 -19.53 -26.33
C ARG A 209 8.09 -18.71 -27.41
N ILE A 210 8.23 -17.40 -27.19
CA ILE A 210 8.64 -16.49 -28.21
C ILE A 210 10.05 -16.73 -28.64
N VAL A 211 10.94 -16.92 -27.66
CA VAL A 211 12.35 -17.00 -27.93
C VAL A 211 12.79 -18.43 -28.44
N THR A 212 12.20 -19.48 -27.89
CA THR A 212 12.61 -20.88 -28.14
C THR A 212 11.65 -21.69 -29.05
N GLY A 213 10.39 -21.28 -29.10
CA GLY A 213 9.34 -21.97 -29.82
C GLY A 213 8.79 -23.13 -29.09
N VAL A 214 9.19 -23.35 -27.84
CA VAL A 214 8.79 -24.46 -27.07
C VAL A 214 7.74 -24.06 -26.04
N GLY A 215 6.76 -24.91 -25.79
CA GLY A 215 5.78 -24.66 -24.83
C GLY A 215 4.67 -25.68 -24.90
N VAL A 216 3.98 -25.84 -23.79
CA VAL A 216 2.81 -26.69 -23.76
C VAL A 216 1.70 -25.97 -23.03
N PRO A 217 0.57 -25.72 -23.70
CA PRO A 217 -0.58 -25.14 -22.99
C PRO A 217 -0.89 -25.90 -21.71
N GLN A 218 -1.21 -25.16 -20.69
CA GLN A 218 -1.08 -25.66 -19.33
C GLN A 218 -2.17 -26.61 -18.96
N ILE A 219 -3.36 -26.47 -19.49
CA ILE A 219 -4.41 -27.44 -19.03
C ILE A 219 -4.01 -28.85 -19.50
N THR A 220 -3.61 -28.98 -20.74
CA THR A 220 -3.12 -30.27 -21.26
C THR A 220 -1.84 -30.71 -20.51
N ALA A 221 -0.94 -29.79 -20.23
CA ALA A 221 0.31 -30.17 -19.54
C ALA A 221 -0.05 -30.78 -18.16
N ILE A 222 -0.94 -30.15 -17.45
CA ILE A 222 -1.30 -30.63 -16.13
C ILE A 222 -1.93 -32.04 -16.26
N ALA A 223 -2.90 -32.15 -17.16
CA ALA A 223 -3.63 -33.41 -17.29
C ALA A 223 -2.69 -34.57 -17.67
N ASP A 224 -1.78 -34.34 -18.59
CA ASP A 224 -0.87 -35.37 -19.06
C ASP A 224 0.04 -35.80 -17.90
N ALA A 225 0.56 -34.83 -17.18
CA ALA A 225 1.44 -35.09 -16.01
C ALA A 225 0.64 -35.81 -14.90
N ALA A 226 -0.57 -35.35 -14.60
CA ALA A 226 -1.43 -36.00 -13.62
C ALA A 226 -1.85 -37.41 -14.01
N GLY A 227 -2.04 -37.66 -15.29
CA GLY A 227 -2.47 -38.98 -15.67
C GLY A 227 -1.39 -40.01 -15.27
N VAL A 228 -0.12 -39.62 -15.31
CA VAL A 228 0.95 -40.50 -14.86
C VAL A 228 1.04 -40.42 -13.35
N ALA A 229 1.14 -39.22 -12.79
CA ALA A 229 1.43 -39.05 -11.40
C ALA A 229 0.30 -39.67 -10.52
N ASN A 230 -0.95 -39.60 -10.95
CA ASN A 230 -2.04 -40.25 -10.19
C ASN A 230 -1.81 -41.74 -9.94
N GLU A 231 -1.15 -42.42 -10.87
CA GLU A 231 -1.01 -43.86 -10.73
CA GLU A 231 -0.83 -43.87 -10.85
C GLU A 231 -0.01 -44.21 -9.62
N TYR A 232 0.78 -43.21 -9.16
CA TYR A 232 1.75 -43.41 -8.08
C TYR A 232 1.32 -42.70 -6.84
N GLY A 233 0.17 -42.04 -6.83
CA GLY A 233 -0.26 -41.27 -5.62
C GLY A 233 0.59 -39.99 -5.47
N ILE A 234 1.20 -39.47 -6.56
CA ILE A 234 2.16 -38.36 -6.45
C ILE A 234 1.41 -37.08 -6.90
N PRO A 235 1.41 -36.01 -6.09
CA PRO A 235 0.72 -34.81 -6.50
C PRO A 235 1.44 -34.05 -7.62
N VAL A 236 0.64 -33.30 -8.37
CA VAL A 236 1.12 -32.40 -9.39
C VAL A 236 0.84 -30.96 -8.91
N ILE A 237 1.84 -30.11 -9.05
CA ILE A 237 1.73 -28.74 -8.71
C ILE A 237 1.71 -27.92 -10.00
N ALA A 238 0.73 -27.09 -10.17
CA ALA A 238 0.61 -26.32 -11.44
C ALA A 238 1.38 -25.03 -11.28
N ASP A 239 2.35 -24.75 -12.12
CA ASP A 239 3.22 -23.58 -11.95
C ASP A 239 3.26 -22.76 -13.24
N GLY A 240 2.42 -21.75 -13.32
CA GLY A 240 2.48 -20.73 -14.37
C GLY A 240 1.17 -20.62 -15.18
N GLY A 241 0.98 -19.42 -15.75
CA GLY A 241 -0.13 -19.16 -16.62
C GLY A 241 -1.41 -18.80 -15.90
N ILE A 242 -1.42 -18.76 -14.57
CA ILE A 242 -2.56 -18.38 -13.81
C ILE A 242 -2.71 -16.87 -13.77
N ARG A 243 -3.83 -16.37 -14.30
CA ARG A 243 -4.10 -14.93 -14.24
C ARG A 243 -5.22 -14.59 -13.26
N PHE A 244 -6.22 -15.46 -13.12
CA PHE A 244 -7.38 -15.15 -12.28
C PHE A 244 -7.70 -16.29 -11.39
N SER A 245 -8.47 -16.05 -10.37
CA SER A 245 -8.85 -17.14 -9.48
C SER A 245 -9.53 -18.26 -10.20
N GLY A 246 -10.32 -17.95 -11.24
CA GLY A 246 -10.90 -19.01 -12.03
C GLY A 246 -9.93 -19.95 -12.66
N ASP A 247 -8.72 -19.49 -13.01
CA ASP A 247 -7.70 -20.41 -13.45
C ASP A 247 -7.19 -21.41 -12.42
N ILE A 248 -7.27 -21.04 -11.14
CA ILE A 248 -6.91 -21.98 -10.08
C ILE A 248 -7.84 -23.15 -10.12
N SER A 249 -9.13 -22.86 -10.23
CA SER A 249 -10.13 -23.92 -10.29
C SER A 249 -9.84 -24.80 -11.45
N LYS A 250 -9.57 -24.20 -12.60
CA LYS A 250 -9.37 -25.01 -13.78
C LYS A 250 -8.10 -25.91 -13.67
N ALA A 251 -7.05 -25.36 -13.09
CA ALA A 251 -5.78 -26.09 -12.93
C ALA A 251 -6.00 -27.31 -12.05
N ILE A 252 -6.80 -27.14 -10.99
CA ILE A 252 -7.11 -28.26 -10.09
C ILE A 252 -7.95 -29.28 -10.84
N ALA A 253 -9.01 -28.85 -11.50
CA ALA A 253 -9.85 -29.81 -12.23
C ALA A 253 -9.08 -30.54 -13.32
N ALA A 254 -8.08 -29.93 -13.88
CA ALA A 254 -7.22 -30.63 -14.88
C ALA A 254 -6.34 -31.71 -14.24
N GLY A 255 -6.22 -31.73 -12.94
CA GLY A 255 -5.40 -32.77 -12.25
C GLY A 255 -4.47 -32.27 -11.12
N ALA A 256 -4.26 -30.95 -11.02
CA ALA A 256 -3.29 -30.40 -10.09
C ALA A 256 -3.83 -30.46 -8.67
N SER A 257 -2.97 -30.78 -7.74
CA SER A 257 -3.32 -30.79 -6.32
C SER A 257 -3.20 -29.41 -5.71
N CYS A 258 -2.33 -28.57 -6.26
CA CYS A 258 -2.26 -27.18 -5.85
C CYS A 258 -1.59 -26.38 -6.89
N VAL A 259 -1.54 -25.06 -6.71
CA VAL A 259 -0.94 -24.10 -7.64
C VAL A 259 0.17 -23.34 -6.98
N MET A 260 1.21 -23.09 -7.73
CA MET A 260 2.25 -22.20 -7.32
C MET A 260 2.05 -20.86 -7.98
N VAL A 261 2.12 -19.79 -7.21
CA VAL A 261 2.01 -18.48 -7.78
C VAL A 261 3.18 -17.62 -7.37
N GLY A 262 3.43 -16.58 -8.13
CA GLY A 262 4.57 -15.72 -7.92
C GLY A 262 4.18 -14.26 -7.92
N SER A 263 4.02 -13.70 -9.11
CA SER A 263 3.69 -12.29 -9.27
CA SER A 263 3.75 -12.29 -9.24
C SER A 263 2.45 -11.92 -8.51
N MET A 264 1.51 -12.82 -8.38
CA MET A 264 0.31 -12.52 -7.56
C MET A 264 0.62 -12.09 -6.05
N PHE A 265 1.72 -12.56 -5.48
CA PHE A 265 2.10 -12.25 -4.10
C PHE A 265 3.21 -11.21 -4.05
N ALA A 266 3.87 -10.97 -5.18
CA ALA A 266 4.94 -9.95 -5.22
C ALA A 266 4.24 -8.66 -4.93
N GLY A 267 4.86 -7.79 -4.15
CA GLY A 267 4.20 -6.53 -3.87
C GLY A 267 3.33 -6.52 -2.62
N THR A 268 3.05 -7.68 -2.02
CA THR A 268 2.38 -7.69 -0.73
C THR A 268 3.30 -7.19 0.36
N GLU A 269 2.67 -6.75 1.46
CA GLU A 269 3.35 -6.22 2.61
C GLU A 269 4.45 -7.20 3.02
N GLU A 270 4.11 -8.48 3.00
CA GLU A 270 4.94 -9.52 3.57
C GLU A 270 6.05 -9.99 2.62
N ALA A 271 5.88 -9.73 1.31
CA ALA A 271 6.90 -10.04 0.32
C ALA A 271 8.15 -9.15 0.55
N PRO A 272 9.31 -9.54 0.01
CA PRO A 272 10.51 -8.68 0.17
C PRO A 272 10.34 -7.37 -0.55
N GLY A 273 11.21 -6.44 -0.20
CA GLY A 273 11.22 -5.14 -0.80
C GLY A 273 10.72 -4.21 0.25
N GLU A 274 11.07 -2.95 0.10
CA GLU A 274 10.64 -1.82 0.95
CA GLU A 274 10.52 -1.95 1.00
C GLU A 274 9.49 -1.10 0.26
N VAL A 275 8.48 -0.65 0.98
CA VAL A 275 7.43 0.17 0.37
C VAL A 275 8.06 1.51 0.07
N ILE A 276 7.81 2.05 -1.11
CA ILE A 276 8.15 3.43 -1.36
C ILE A 276 6.98 4.14 -2.01
N LEU A 277 6.96 5.47 -1.86
CA LEU A 277 5.95 6.30 -2.47
C LEU A 277 6.56 6.84 -3.74
N TYR A 278 5.83 6.72 -4.85
CA TYR A 278 6.27 7.25 -6.14
C TYR A 278 5.08 7.75 -6.97
N GLN A 279 5.03 9.08 -7.16
CA GLN A 279 3.97 9.76 -7.92
C GLN A 279 2.58 9.49 -7.37
N GLY A 280 2.47 9.65 -6.06
CA GLY A 280 1.20 9.47 -5.35
C GLY A 280 0.69 8.04 -5.22
N ARG A 281 1.56 7.05 -5.44
CA ARG A 281 1.17 5.63 -5.33
C ARG A 281 2.24 4.81 -4.60
N SER A 282 1.86 3.62 -4.15
CA SER A 282 2.79 2.82 -3.37
C SER A 282 3.28 1.66 -4.18
N TYR A 283 4.59 1.49 -4.16
CA TYR A 283 5.26 0.42 -4.86
C TYR A 283 6.17 -0.32 -3.90
N LYS A 284 6.55 -1.53 -4.25
CA LYS A 284 7.68 -2.19 -3.57
C LYS A 284 8.93 -2.09 -4.44
N ALA A 285 10.06 -1.74 -3.82
CA ALA A 285 11.35 -1.57 -4.50
C ALA A 285 12.47 -2.48 -3.91
N TYR A 286 13.47 -2.81 -4.73
CA TYR A 286 14.55 -3.75 -4.35
C TYR A 286 15.96 -3.18 -4.59
N ARG A 321 10.26 -2.20 -9.63
CA ARG A 321 9.15 -1.59 -8.90
C ARG A 321 7.77 -2.23 -9.26
N ILE A 322 7.04 -2.66 -8.23
CA ILE A 322 5.82 -3.48 -8.37
C ILE A 322 4.74 -2.85 -7.50
N ALA A 323 3.49 -2.80 -7.94
CA ALA A 323 2.43 -2.11 -7.18
C ALA A 323 2.25 -2.76 -5.80
N TYR A 324 1.98 -1.94 -4.78
CA TYR A 324 1.82 -2.43 -3.41
C TYR A 324 0.46 -3.07 -3.27
N LYS A 325 0.42 -4.27 -2.72
CA LYS A 325 -0.86 -4.99 -2.70
C LYS A 325 -1.47 -5.18 -1.36
N GLY A 326 -0.90 -4.58 -0.33
CA GLY A 326 -1.45 -4.82 1.01
C GLY A 326 -1.06 -6.19 1.55
N HIS A 327 -1.79 -6.63 2.56
CA HIS A 327 -1.46 -7.89 3.23
C HIS A 327 -1.84 -9.13 2.43
N LEU A 328 -0.95 -10.09 2.44
CA LEU A 328 -1.11 -11.34 1.74
C LEU A 328 -2.44 -11.96 2.01
N LYS A 329 -2.91 -11.83 3.21
CA LYS A 329 -4.07 -12.59 3.44
C LYS A 329 -5.36 -12.15 2.72
N GLU A 330 -5.48 -10.87 2.39
CA GLU A 330 -6.60 -10.35 1.62
CA GLU A 330 -6.66 -10.40 1.63
C GLU A 330 -6.61 -10.97 0.18
N ILE A 331 -5.42 -11.09 -0.41
CA ILE A 331 -5.27 -11.76 -1.69
C ILE A 331 -5.71 -13.21 -1.64
N ILE A 332 -5.30 -13.92 -0.59
CA ILE A 332 -5.62 -15.31 -0.44
C ILE A 332 -7.12 -15.43 -0.30
N HIS A 333 -7.70 -14.58 0.50
CA HIS A 333 -9.16 -14.60 0.74
C HIS A 333 -9.97 -14.41 -0.56
N GLN A 334 -9.56 -13.49 -1.43
CA GLN A 334 -10.21 -13.27 -2.71
C GLN A 334 -9.99 -14.45 -3.62
N GLN A 335 -8.79 -14.97 -3.70
CA GLN A 335 -8.54 -16.06 -4.61
C GLN A 335 -9.22 -17.34 -4.14
N MET A 336 -9.14 -17.62 -2.86
CA MET A 336 -9.79 -18.82 -2.37
C MET A 336 -11.33 -18.60 -2.36
N GLY A 337 -11.84 -17.36 -2.34
CA GLY A 337 -13.30 -17.07 -2.41
C GLY A 337 -13.83 -17.45 -3.79
N GLY A 338 -13.05 -17.25 -4.85
CA GLY A 338 -13.40 -17.78 -6.19
C GLY A 338 -13.40 -19.30 -6.29
N LEU A 339 -12.38 -19.93 -5.71
CA LEU A 339 -12.30 -21.35 -5.73
C LEU A 339 -13.49 -21.93 -4.97
N ARG A 340 -13.80 -21.37 -3.80
CA ARG A 340 -14.91 -21.86 -3.01
C ARG A 340 -16.25 -21.73 -3.79
N SER A 341 -16.49 -20.62 -4.47
CA SER A 341 -17.66 -20.49 -5.34
C SER A 341 -17.69 -21.54 -6.43
N CYS A 342 -16.55 -21.78 -7.07
CA CYS A 342 -16.49 -22.84 -8.06
C CYS A 342 -16.91 -24.20 -7.47
N MET A 343 -16.37 -24.52 -6.28
CA MET A 343 -16.69 -25.77 -5.59
C MET A 343 -18.20 -25.87 -5.27
N GLY A 344 -18.82 -24.78 -4.91
CA GLY A 344 -20.26 -24.74 -4.78
C GLY A 344 -21.01 -25.02 -6.05
N LEU A 345 -20.54 -24.41 -7.14
CA LEU A 345 -21.22 -24.53 -8.42
C LEU A 345 -21.02 -25.94 -9.01
N THR A 346 -19.90 -26.59 -8.70
CA THR A 346 -19.62 -27.87 -9.28
C THR A 346 -20.00 -29.04 -8.37
N GLY A 347 -20.49 -28.77 -7.19
CA GLY A 347 -20.72 -29.78 -6.18
C GLY A 347 -19.52 -30.48 -5.71
N SER A 348 -18.40 -29.81 -5.63
CA SER A 348 -17.12 -30.43 -5.20
C SER A 348 -16.96 -30.16 -3.72
N ALA A 349 -17.15 -31.17 -2.86
CA ALA A 349 -17.01 -31.02 -1.41
C ALA A 349 -15.56 -30.79 -1.02
N THR A 350 -14.65 -31.42 -1.74
CA THR A 350 -13.24 -31.36 -1.43
C THR A 350 -12.46 -31.07 -2.69
N VAL A 351 -11.19 -30.70 -2.49
CA VAL A 351 -10.33 -30.42 -3.57
C VAL A 351 -10.20 -31.62 -4.49
N GLU A 352 -10.07 -32.79 -3.89
CA GLU A 352 -9.95 -34.03 -4.64
C GLU A 352 -11.20 -34.30 -5.51
N ASP A 353 -12.39 -33.94 -5.03
CA ASP A 353 -13.57 -34.05 -5.92
C ASP A 353 -13.44 -33.15 -7.15
N LEU A 354 -12.97 -31.92 -6.96
CA LEU A 354 -12.79 -30.98 -8.10
C LEU A 354 -11.74 -31.56 -9.07
N ARG A 355 -10.69 -32.16 -8.49
CA ARG A 355 -9.54 -32.62 -9.22
C ARG A 355 -9.86 -33.84 -10.02
N THR A 356 -10.76 -34.70 -9.55
CA THR A 356 -10.92 -36.00 -10.17
C THR A 356 -12.31 -36.22 -10.75
N LYS A 357 -13.31 -35.36 -10.50
CA LYS A 357 -14.68 -35.60 -10.99
C LYS A 357 -15.32 -34.44 -11.79
N ALA A 358 -14.96 -33.19 -11.53
CA ALA A 358 -15.61 -32.06 -12.16
C ALA A 358 -15.34 -32.15 -13.68
N GLN A 359 -16.27 -31.70 -14.45
CA GLN A 359 -16.11 -31.71 -15.90
C GLN A 359 -15.91 -30.33 -16.52
N PHE A 360 -15.31 -30.33 -17.70
CA PHE A 360 -15.14 -29.20 -18.49
C PHE A 360 -16.03 -29.24 -19.74
N VAL A 361 -16.29 -28.03 -20.27
CA VAL A 361 -16.61 -27.84 -21.66
C VAL A 361 -15.50 -27.12 -22.38
N ARG A 362 -15.33 -27.46 -23.63
CA ARG A 362 -14.43 -26.84 -24.57
CA ARG A 362 -14.39 -26.78 -24.51
C ARG A 362 -15.17 -25.70 -25.25
N ILE A 363 -14.55 -24.52 -25.33
CA ILE A 363 -15.18 -23.33 -25.94
C ILE A 363 -14.36 -22.80 -27.08
N SER A 364 -14.96 -21.97 -27.91
CA SER A 364 -14.21 -21.37 -29.06
C SER A 364 -13.53 -20.07 -28.63
N GLY A 365 -12.74 -19.47 -29.50
CA GLY A 365 -12.39 -18.03 -29.25
C GLY A 365 -13.56 -16.98 -29.11
N ALA A 366 -14.74 -17.28 -29.70
CA ALA A 366 -15.80 -16.27 -29.91
C ALA A 366 -16.71 -16.15 -28.72
N LEU B 7 -14.86 48.74 -17.19
CA LEU B 7 -14.58 47.28 -16.85
C LEU B 7 -13.69 47.06 -15.61
N ARG B 8 -14.26 46.46 -14.57
CA ARG B 8 -13.76 46.69 -13.21
C ARG B 8 -12.69 45.68 -12.78
N ILE B 9 -11.47 45.87 -13.27
CA ILE B 9 -10.35 44.99 -12.93
C ILE B 9 -9.51 45.54 -11.76
N ALA B 10 -9.58 44.89 -10.60
CA ALA B 10 -8.76 45.30 -9.43
C ALA B 10 -7.23 45.22 -9.74
N LYS B 11 -6.77 44.13 -10.37
CA LYS B 11 -5.35 43.87 -10.57
C LYS B 11 -5.13 42.57 -11.39
N GLU B 12 -3.92 42.35 -11.91
CA GLU B 12 -3.49 41.01 -12.38
CA GLU B 12 -3.49 41.04 -12.38
C GLU B 12 -3.23 40.20 -11.13
N ALA B 13 -3.53 38.91 -11.17
CA ALA B 13 -3.33 38.03 -9.99
C ALA B 13 -2.60 36.78 -10.44
N LEU B 14 -1.68 36.31 -9.60
CA LEU B 14 -0.71 35.28 -9.95
C LEU B 14 -0.91 34.00 -9.17
N THR B 15 -0.71 32.88 -9.89
CA THR B 15 -0.75 31.56 -9.34
C THR B 15 0.66 30.94 -9.20
N PHE B 16 0.75 29.77 -8.57
CA PHE B 16 2.06 29.11 -8.39
C PHE B 16 2.93 29.03 -9.65
N ASP B 17 2.32 28.64 -10.76
CA ASP B 17 3.07 28.39 -11.96
C ASP B 17 3.52 29.64 -12.69
N ASP B 18 3.02 30.80 -12.27
CA ASP B 18 3.44 32.11 -12.80
C ASP B 18 4.78 32.55 -12.17
N VAL B 19 5.22 31.91 -11.11
CA VAL B 19 6.44 32.36 -10.43
C VAL B 19 7.45 31.28 -10.12
N LEU B 20 8.70 31.72 -9.94
CA LEU B 20 9.77 30.90 -9.45
C LEU B 20 10.56 31.70 -8.45
N LEU B 21 11.10 30.98 -7.45
CA LEU B 21 12.00 31.58 -6.46
C LEU B 21 13.42 31.70 -7.02
N VAL B 22 14.11 32.79 -6.63
CA VAL B 22 15.41 33.19 -7.20
C VAL B 22 16.47 32.66 -6.25
N PRO B 23 17.44 31.90 -6.75
CA PRO B 23 18.53 31.55 -5.87
C PRO B 23 19.31 32.76 -5.37
N ALA B 24 19.90 32.64 -4.19
CA ALA B 24 20.66 33.76 -3.57
C ALA B 24 21.86 33.22 -2.83
N HIS B 25 22.75 34.10 -2.46
CA HIS B 25 23.80 33.78 -1.52
C HIS B 25 23.31 33.02 -0.29
N SER B 26 24.00 31.95 0.07
CA SER B 26 23.50 31.00 1.08
C SER B 26 24.59 30.50 2.01
N THR B 27 24.35 30.61 3.32
CA THR B 27 25.16 29.91 4.30
C THR B 27 24.37 28.70 4.83
N VAL B 28 23.29 28.36 4.14
CA VAL B 28 22.32 27.35 4.60
C VAL B 28 22.41 26.03 3.82
N LEU B 29 22.53 24.91 4.51
CA LEU B 29 22.42 23.62 3.82
C LEU B 29 21.03 23.02 4.07
N PRO B 30 20.58 22.15 3.12
CA PRO B 30 19.28 21.59 3.33
C PRO B 30 19.15 20.98 4.71
N ASN B 31 20.16 20.27 5.21
CA ASN B 31 20.03 19.60 6.51
CA ASN B 31 19.99 19.61 6.50
C ASN B 31 20.14 20.56 7.69
N THR B 32 20.59 21.79 7.46
CA THR B 32 20.63 22.77 8.57
C THR B 32 19.44 23.75 8.53
N ALA B 33 18.62 23.73 7.49
CA ALA B 33 17.46 24.59 7.46
C ALA B 33 16.61 24.36 8.69
N ASP B 34 16.11 25.45 9.29
CA ASP B 34 15.26 25.39 10.47
C ASP B 34 13.84 25.52 9.97
N LEU B 35 13.04 24.48 10.16
CA LEU B 35 11.65 24.48 9.64
C LEU B 35 10.56 24.98 10.62
N ARG B 36 10.96 25.36 11.81
CA ARG B 36 9.98 25.88 12.80
C ARG B 36 9.22 27.09 12.28
N THR B 37 7.97 27.22 12.67
CA THR B 37 7.13 28.32 12.18
C THR B 37 6.00 28.52 13.18
N ARG B 38 4.97 29.25 12.81
CA ARG B 38 3.89 29.53 13.73
C ARG B 38 2.63 29.13 13.00
N LEU B 39 1.72 28.45 13.70
CA LEU B 39 0.35 28.25 13.24
C LEU B 39 -0.52 29.46 13.56
N THR B 40 -0.46 29.87 14.81
CA THR B 40 -1.16 31.09 15.26
C THR B 40 -0.19 32.01 16.00
N LYS B 41 -0.68 33.15 16.41
CA LYS B 41 0.15 34.03 17.22
C LYS B 41 0.83 33.30 18.38
N ASN B 42 0.06 32.45 19.08
CA ASN B 42 0.56 31.75 20.27
C ASN B 42 0.91 30.26 20.14
N ILE B 43 0.87 29.71 18.93
CA ILE B 43 1.21 28.28 18.73
C ILE B 43 2.35 28.08 17.67
N ALA B 44 3.48 27.58 18.15
CA ALA B 44 4.59 27.17 17.30
C ALA B 44 4.27 25.78 16.65
N LEU B 45 4.81 25.61 15.45
CA LEU B 45 4.88 24.33 14.75
C LEU B 45 6.37 24.05 14.54
N ASN B 46 6.74 22.77 14.44
CA ASN B 46 8.08 22.38 14.06
C ASN B 46 8.27 22.16 12.57
N ILE B 47 7.17 22.04 11.82
CA ILE B 47 7.21 22.02 10.35
C ILE B 47 5.98 22.81 9.87
N PRO B 48 6.04 23.41 8.69
CA PRO B 48 4.95 24.26 8.32
C PRO B 48 3.84 23.52 7.57
N MET B 49 3.32 22.44 8.18
CA MET B 49 2.18 21.69 7.60
C MET B 49 1.08 21.46 8.66
N VAL B 50 -0.18 21.66 8.29
CA VAL B 50 -1.29 21.27 9.09
C VAL B 50 -2.22 20.49 8.15
N SER B 51 -3.04 19.60 8.72
CA SER B 51 -3.94 18.77 7.89
C SER B 51 -5.39 19.30 7.91
N ALA B 52 -6.04 19.23 6.75
CA ALA B 52 -7.40 19.74 6.58
C ALA B 52 -8.41 18.94 7.40
N SER B 53 -9.50 19.59 7.75
CA SER B 53 -10.58 18.98 8.47
C SER B 53 -11.57 18.30 7.49
N MET B 54 -11.04 17.38 6.70
CA MET B 54 -11.79 16.61 5.73
C MET B 54 -11.98 15.23 6.33
N ASP B 55 -13.15 14.66 6.14
CA ASP B 55 -13.41 13.36 6.68
C ASP B 55 -12.62 12.25 6.01
N THR B 56 -11.88 12.56 4.94
CA THR B 56 -11.00 11.55 4.33
C THR B 56 -9.55 11.78 4.76
N VAL B 57 -9.33 12.74 5.66
CA VAL B 57 -7.97 13.13 5.95
C VAL B 57 -7.66 13.07 7.43
N THR B 58 -8.37 13.83 8.25
CA THR B 58 -7.97 13.93 9.65
C THR B 58 -8.95 13.38 10.69
N GLU B 59 -8.54 12.31 11.34
CA GLU B 59 -9.10 11.90 12.60
C GLU B 59 -7.98 11.72 13.61
N ALA B 60 -8.30 11.27 14.82
CA ALA B 60 -7.29 11.10 15.89
C ALA B 60 -5.96 10.49 15.41
N ARG B 61 -6.07 9.41 14.65
CA ARG B 61 -4.91 8.66 14.29
C ARG B 61 -3.96 9.50 13.45
N LEU B 62 -4.50 10.24 12.49
CA LEU B 62 -3.62 11.06 11.65
C LEU B 62 -3.14 12.30 12.41
N ALA B 63 -4.01 12.90 13.20
CA ALA B 63 -3.64 14.06 14.01
C ALA B 63 -2.46 13.70 14.93
N ILE B 64 -2.46 12.47 15.47
CA ILE B 64 -1.34 12.00 16.30
C ILE B 64 -0.08 11.85 15.43
N ALA B 65 -0.15 11.06 14.37
CA ALA B 65 1.02 10.93 13.50
C ALA B 65 1.55 12.31 13.06
N LEU B 66 0.67 13.24 12.72
CA LEU B 66 1.13 14.55 12.21
C LEU B 66 1.78 15.37 13.31
N ALA B 67 1.17 15.38 14.50
CA ALA B 67 1.74 16.12 15.64
C ALA B 67 3.11 15.57 15.97
N GLN B 68 3.27 14.25 15.87
CA GLN B 68 4.57 13.63 16.13
C GLN B 68 5.68 14.07 15.20
N GLU B 69 5.32 14.36 13.95
CA GLU B 69 6.29 14.91 13.01
C GLU B 69 6.46 16.42 13.11
N GLY B 70 5.63 17.11 13.90
CA GLY B 70 5.82 18.54 14.17
C GLY B 70 4.73 19.47 13.65
N GLY B 71 3.70 18.88 13.04
CA GLY B 71 2.52 19.55 12.53
C GLY B 71 1.32 19.51 13.46
N ILE B 72 0.15 19.92 12.98
CA ILE B 72 -1.11 19.85 13.75
C ILE B 72 -2.22 19.37 12.83
N GLY B 73 -3.02 18.42 13.30
CA GLY B 73 -4.22 17.96 12.60
C GLY B 73 -5.47 18.66 13.09
N PHE B 74 -6.40 18.94 12.19
CA PHE B 74 -7.74 19.39 12.55
C PHE B 74 -8.79 18.29 12.41
N ILE B 75 -9.25 17.73 13.54
CA ILE B 75 -10.32 16.74 13.52
C ILE B 75 -11.56 17.31 12.85
N HIS B 76 -12.08 16.57 11.89
CA HIS B 76 -13.21 17.04 11.09
C HIS B 76 -14.44 16.99 11.90
N LYS B 77 -15.46 17.69 11.42
CA LYS B 77 -16.69 17.95 12.18
C LYS B 77 -17.80 17.01 11.75
N ASN B 78 -17.56 16.16 10.76
CA ASN B 78 -18.64 15.34 10.24
C ASN B 78 -18.81 14.07 11.12
N MET B 79 -19.23 14.30 12.36
CA MET B 79 -19.38 13.27 13.37
C MET B 79 -20.10 13.93 14.57
N SER B 80 -20.62 13.15 15.51
CA SER B 80 -21.30 13.72 16.69
C SER B 80 -20.35 14.56 17.55
N ILE B 81 -20.93 15.46 18.35
CA ILE B 81 -20.17 16.30 19.25
C ILE B 81 -19.34 15.42 20.16
N GLU B 82 -19.97 14.43 20.75
CA GLU B 82 -19.31 13.55 21.70
C GLU B 82 -18.11 12.80 21.05
N GLN B 83 -18.28 12.32 19.84
CA GLN B 83 -17.18 11.68 19.11
C GLN B 83 -16.01 12.62 18.83
N GLN B 84 -16.34 13.82 18.35
CA GLN B 84 -15.29 14.77 17.99
C GLN B 84 -14.47 15.11 19.25
N ALA B 85 -15.16 15.37 20.37
CA ALA B 85 -14.50 15.62 21.65
C ALA B 85 -13.67 14.43 22.11
N ALA B 86 -14.18 13.21 21.97
CA ALA B 86 -13.40 11.99 22.36
C ALA B 86 -12.13 11.87 21.52
N GLN B 87 -12.22 12.26 20.27
CA GLN B 87 -11.04 12.23 19.42
C GLN B 87 -9.98 13.27 19.79
N VAL B 88 -10.42 14.50 20.12
CA VAL B 88 -9.50 15.50 20.62
C VAL B 88 -8.84 14.95 21.88
N HIS B 89 -9.64 14.41 22.78
CA HIS B 89 -9.14 13.83 24.01
C HIS B 89 -8.11 12.73 23.75
N GLN B 90 -8.42 11.85 22.80
CA GLN B 90 -7.50 10.78 22.39
C GLN B 90 -6.13 11.35 22.01
N VAL B 91 -6.10 12.44 21.26
CA VAL B 91 -4.81 12.99 20.87
C VAL B 91 -4.09 13.58 22.09
N LYS B 92 -4.82 14.31 22.94
CA LYS B 92 -4.22 14.97 24.11
C LYS B 92 -3.63 14.00 25.13
N ILE B 93 -4.17 12.78 25.23
CA ILE B 93 -3.69 11.82 26.23
C ILE B 93 -2.76 10.76 25.64
N PHE B 94 -2.27 10.95 24.44
CA PHE B 94 -1.40 9.94 23.80
C PHE B 94 -0.01 9.75 24.49
N GLU B 95 0.52 10.79 25.13
CA GLU B 95 1.79 10.64 25.92
C GLU B 95 1.66 10.84 27.44
N SER B 107 12.50 9.23 20.55
CA SER B 107 11.85 8.57 19.41
C SER B 107 11.41 9.61 18.36
N LYS B 108 10.62 10.58 18.82
CA LYS B 108 10.04 11.62 17.96
C LYS B 108 10.50 13.00 18.42
N PRO B 109 11.72 13.40 17.99
CA PRO B 109 12.27 14.65 18.50
C PRO B 109 11.54 15.92 18.00
N ASN B 110 10.81 15.85 16.87
CA ASN B 110 10.14 17.08 16.38
C ASN B 110 8.67 17.25 16.74
N ALA B 111 8.19 16.40 17.65
CA ALA B 111 6.79 16.42 18.05
C ALA B 111 6.41 17.84 18.45
N CYS B 112 5.24 18.23 17.98
CA CYS B 112 4.59 19.48 18.33
C CYS B 112 3.66 19.29 19.56
N LYS B 113 4.08 19.86 20.68
CA LYS B 113 3.48 19.60 22.00
C LYS B 113 3.14 20.92 22.69
N ASP B 114 2.09 20.92 23.51
CA ASP B 114 1.78 22.06 24.36
C ASP B 114 2.79 22.14 25.51
N GLU B 115 2.60 23.17 26.36
CA GLU B 115 3.36 23.43 27.59
C GLU B 115 3.46 22.24 28.57
N GLN B 116 2.46 21.36 28.55
CA GLN B 116 2.42 20.20 29.45
CA GLN B 116 2.42 20.23 29.45
C GLN B 116 2.99 18.96 28.77
N GLY B 117 3.68 19.14 27.64
CA GLY B 117 4.26 17.99 26.88
C GLY B 117 3.26 17.04 26.22
N ARG B 118 2.04 17.49 26.02
CA ARG B 118 1.08 16.69 25.27
C ARG B 118 1.04 17.16 23.82
N LEU B 119 0.77 16.23 22.92
CA LEU B 119 0.61 16.54 21.50
C LEU B 119 -0.49 17.57 21.30
N ARG B 120 -0.26 18.47 20.36
CA ARG B 120 -1.25 19.47 19.96
C ARG B 120 -2.30 18.90 19.02
N VAL B 121 -3.51 19.41 19.07
CA VAL B 121 -4.53 18.98 18.13
C VAL B 121 -5.46 20.14 17.85
N GLY B 122 -6.01 20.21 16.66
CA GLY B 122 -7.05 21.15 16.34
C GLY B 122 -8.37 20.48 16.07
N ALA B 123 -9.44 21.26 16.03
CA ALA B 123 -10.75 20.74 15.62
C ALA B 123 -11.50 21.82 14.88
N ALA B 124 -12.31 21.39 13.93
CA ALA B 124 -13.10 22.25 13.08
C ALA B 124 -14.56 22.26 13.55
N VAL B 125 -15.19 23.44 13.46
CA VAL B 125 -16.64 23.57 13.53
C VAL B 125 -17.15 24.40 12.36
N GLY B 126 -18.45 24.31 12.08
CA GLY B 126 -19.07 25.13 11.06
C GLY B 126 -19.36 26.53 11.54
N ALA B 127 -19.76 27.39 10.62
CA ALA B 127 -19.96 28.80 10.88
C ALA B 127 -21.44 29.14 11.02
N ALA B 128 -22.33 28.18 10.80
CA ALA B 128 -23.75 28.38 11.03
C ALA B 128 -23.99 28.56 12.52
N PRO B 129 -25.14 29.18 12.86
CA PRO B 129 -25.60 29.17 14.24
C PRO B 129 -25.87 27.76 14.75
N GLY B 130 -25.80 27.61 16.06
CA GLY B 130 -26.13 26.34 16.73
C GLY B 130 -24.91 25.49 17.06
N ASN B 131 -23.71 26.08 16.92
CA ASN B 131 -22.46 25.34 17.11
C ASN B 131 -21.76 25.51 18.47
N GLU B 132 -22.48 26.13 19.39
CA GLU B 132 -21.93 26.52 20.69
C GLU B 132 -21.61 25.32 21.55
N GLU B 133 -22.56 24.39 21.65
CA GLU B 133 -22.38 23.15 22.43
CA GLU B 133 -22.31 23.22 22.49
C GLU B 133 -21.12 22.42 21.94
N ARG B 134 -20.95 22.35 20.63
CA ARG B 134 -19.82 21.59 20.05
C ARG B 134 -18.50 22.26 20.41
N VAL B 135 -18.46 23.58 20.24
CA VAL B 135 -17.25 24.36 20.59
C VAL B 135 -16.91 24.16 22.06
N LYS B 136 -17.94 24.09 22.89
CA LYS B 136 -17.73 23.98 24.33
C LYS B 136 -17.10 22.63 24.66
N ALA B 137 -17.72 21.55 24.20
CA ALA B 137 -17.20 20.19 24.34
C ALA B 137 -15.76 20.05 23.86
N LEU B 138 -15.47 20.64 22.70
CA LEU B 138 -14.08 20.64 22.19
C LEU B 138 -13.11 21.45 23.07
N VAL B 139 -13.51 22.63 23.54
CA VAL B 139 -12.62 23.42 24.43
C VAL B 139 -12.37 22.61 25.70
N GLU B 140 -13.43 21.97 26.21
CA GLU B 140 -13.34 21.15 27.43
C GLU B 140 -12.60 19.84 27.27
N ALA B 141 -12.61 19.29 26.07
CA ALA B 141 -11.76 18.16 25.73
C ALA B 141 -10.26 18.53 25.60
N GLY B 142 -9.90 19.81 25.65
CA GLY B 142 -8.48 20.25 25.65
C GLY B 142 -7.90 20.64 24.25
N VAL B 143 -8.75 20.94 23.29
CA VAL B 143 -8.30 21.34 21.95
C VAL B 143 -7.36 22.53 22.01
N ASP B 144 -6.27 22.48 21.26
CA ASP B 144 -5.33 23.57 21.30
C ASP B 144 -5.79 24.76 20.43
N VAL B 145 -6.54 24.50 19.36
CA VAL B 145 -6.86 25.54 18.39
C VAL B 145 -8.14 25.16 17.71
N LEU B 146 -9.05 26.11 17.56
CA LEU B 146 -10.34 25.86 16.93
C LEU B 146 -10.38 26.49 15.55
N LEU B 147 -10.77 25.72 14.55
CA LEU B 147 -10.88 26.19 13.18
C LEU B 147 -12.36 26.40 12.91
N ILE B 148 -12.74 27.62 12.52
CA ILE B 148 -14.11 27.88 12.10
C ILE B 148 -14.06 27.89 10.58
N ASP B 149 -14.40 26.78 9.94
CA ASP B 149 -14.27 26.72 8.48
CA ASP B 149 -14.29 26.67 8.47
C ASP B 149 -15.53 27.16 7.73
N SER B 150 -15.30 27.83 6.63
CA SER B 150 -16.33 28.37 5.82
C SER B 150 -15.87 28.43 4.38
N SER B 151 -16.81 28.27 3.48
CA SER B 151 -16.50 28.54 2.07
C SER B 151 -16.39 30.05 1.77
N HIS B 152 -16.73 30.92 2.72
CA HIS B 152 -16.67 32.36 2.48
C HIS B 152 -16.43 33.16 3.74
N GLY B 153 -15.16 33.27 4.12
CA GLY B 153 -14.83 33.98 5.36
C GLY B 153 -15.21 35.44 5.39
N HIS B 154 -15.41 36.06 4.23
CA HIS B 154 -15.82 37.46 4.24
C HIS B 154 -17.34 37.59 4.35
N SER B 155 -18.05 36.46 4.53
CA SER B 155 -19.50 36.49 4.76
C SER B 155 -19.80 37.13 6.12
N GLU B 156 -20.74 38.05 6.18
CA GLU B 156 -21.10 38.63 7.49
C GLU B 156 -21.41 37.62 8.59
N GLY B 157 -22.01 36.50 8.28
CA GLY B 157 -22.43 35.55 9.31
C GLY B 157 -21.24 34.82 9.90
N VAL B 158 -20.24 34.61 9.06
CA VAL B 158 -19.03 33.95 9.50
C VAL B 158 -18.30 34.93 10.43
N LEU B 159 -18.18 36.21 10.01
CA LEU B 159 -17.53 37.22 10.86
C LEU B 159 -18.21 37.32 12.24
N GLN B 160 -19.55 37.26 12.25
CA GLN B 160 -20.36 37.38 13.48
C GLN B 160 -20.03 36.19 14.39
N ARG B 161 -19.97 34.99 13.82
CA ARG B 161 -19.71 33.79 14.63
C ARG B 161 -18.30 33.82 15.18
N ILE B 162 -17.35 34.35 14.43
CA ILE B 162 -15.98 34.51 14.95
C ILE B 162 -15.99 35.50 16.13
N ARG B 163 -16.74 36.59 15.99
CA ARG B 163 -16.81 37.63 17.06
C ARG B 163 -17.36 37.00 18.32
N GLU B 164 -18.43 36.22 18.14
CA GLU B 164 -19.13 35.61 19.30
C GLU B 164 -18.18 34.66 19.97
N THR B 165 -17.48 33.88 19.17
CA THR B 165 -16.62 32.84 19.74
C THR B 165 -15.44 33.47 20.46
N ARG B 166 -14.90 34.53 19.87
CA ARG B 166 -13.79 35.24 20.48
C ARG B 166 -14.25 35.92 21.76
N ALA B 167 -15.51 36.36 21.80
CA ALA B 167 -16.02 37.00 23.00
C ALA B 167 -16.25 35.98 24.10
N ALA B 168 -16.66 34.78 23.76
CA ALA B 168 -16.93 33.71 24.74
C ALA B 168 -15.66 32.97 25.20
N TYR B 169 -14.59 32.95 24.38
CA TYR B 169 -13.31 32.34 24.74
C TYR B 169 -12.15 33.31 24.36
N PRO B 170 -11.93 34.34 25.17
CA PRO B 170 -10.89 35.30 24.80
C PRO B 170 -9.48 34.73 24.74
N HIS B 171 -9.21 33.58 25.33
CA HIS B 171 -7.88 33.00 25.32
C HIS B 171 -7.70 31.94 24.24
N LEU B 172 -8.77 31.56 23.56
CA LEU B 172 -8.76 30.42 22.61
C LEU B 172 -8.12 30.81 21.29
N GLU B 173 -7.15 30.01 20.84
CA GLU B 173 -6.59 30.22 19.52
C GLU B 173 -7.64 29.84 18.47
N ILE B 174 -8.00 30.79 17.61
CA ILE B 174 -9.05 30.58 16.63
C ILE B 174 -8.54 30.82 15.25
N ILE B 175 -8.78 29.86 14.36
CA ILE B 175 -8.46 30.05 12.97
C ILE B 175 -9.72 30.35 12.22
N GLY B 176 -9.69 31.37 11.40
CA GLY B 176 -10.86 31.71 10.59
C GLY B 176 -10.50 31.72 9.13
N GLY B 177 -11.52 31.46 8.29
CA GLY B 177 -11.36 31.52 6.84
C GLY B 177 -12.53 30.94 6.06
N ASN B 178 -12.44 30.85 4.74
CA ASN B 178 -11.29 31.25 3.95
C ASN B 178 -11.51 32.62 3.32
N VAL B 179 -10.42 33.36 3.11
CA VAL B 179 -10.45 34.60 2.36
C VAL B 179 -9.37 34.61 1.30
N ALA B 180 -9.41 35.62 0.44
CA ALA B 180 -8.46 35.72 -0.65
C ALA B 180 -8.07 37.14 -1.04
N THR B 181 -8.29 38.11 -0.16
CA THR B 181 -8.03 39.53 -0.44
C THR B 181 -7.47 40.22 0.81
N ALA B 182 -6.89 41.41 0.62
CA ALA B 182 -6.43 42.24 1.73
C ALA B 182 -7.59 42.51 2.71
N GLU B 183 -8.72 42.96 2.18
CA GLU B 183 -9.84 43.34 3.05
CA GLU B 183 -9.91 43.32 2.93
C GLU B 183 -10.50 42.14 3.74
N GLY B 184 -10.54 40.98 3.11
CA GLY B 184 -11.04 39.83 3.79
C GLY B 184 -10.14 39.43 4.93
N ALA B 185 -8.83 39.47 4.72
CA ALA B 185 -7.89 39.24 5.81
C ALA B 185 -8.14 40.26 6.97
N ARG B 186 -8.28 41.57 6.65
CA ARG B 186 -8.54 42.59 7.67
C ARG B 186 -9.84 42.27 8.45
N ALA B 187 -10.89 41.86 7.74
CA ALA B 187 -12.20 41.64 8.39
C ALA B 187 -12.10 40.46 9.37
N LEU B 188 -11.37 39.41 9.00
CA LEU B 188 -11.20 38.26 9.91
C LEU B 188 -10.40 38.65 11.14
N ILE B 189 -9.31 39.40 10.90
CA ILE B 189 -8.47 39.87 11.95
C ILE B 189 -9.27 40.79 12.90
N GLU B 190 -10.07 41.71 12.35
CA GLU B 190 -10.99 42.58 13.16
C GLU B 190 -12.00 41.69 13.89
N ALA B 191 -12.46 40.62 13.24
CA ALA B 191 -13.39 39.68 13.90
C ALA B 191 -12.79 38.95 15.13
N GLY B 192 -11.47 38.87 15.15
CA GLY B 192 -10.76 38.33 16.31
C GLY B 192 -9.99 37.05 16.09
N VAL B 193 -9.70 36.68 14.82
CA VAL B 193 -8.96 35.45 14.55
C VAL B 193 -7.51 35.53 15.06
N SER B 194 -6.94 34.37 15.35
CA SER B 194 -5.54 34.22 15.73
C SER B 194 -4.67 33.81 14.50
N ALA B 195 -5.32 33.47 13.39
CA ALA B 195 -4.64 33.16 12.13
C ALA B 195 -5.64 33.30 11.02
N VAL B 196 -5.14 33.71 9.87
CA VAL B 196 -6.00 33.87 8.72
C VAL B 196 -5.74 32.71 7.71
N LYS B 197 -6.81 32.04 7.28
CA LYS B 197 -6.69 30.97 6.28
C LYS B 197 -7.14 31.48 4.93
N VAL B 198 -6.30 31.24 3.94
CA VAL B 198 -6.41 31.80 2.61
C VAL B 198 -6.59 30.71 1.54
N GLY B 199 -7.63 30.91 0.72
CA GLY B 199 -7.78 30.32 -0.57
C GLY B 199 -9.24 30.24 -0.96
N ILE B 200 -9.64 30.99 -1.99
CA ILE B 200 -10.98 30.91 -2.55
C ILE B 200 -10.81 30.62 -4.05
N GLY B 201 -11.32 29.50 -4.49
CA GLY B 201 -11.03 29.02 -5.83
C GLY B 201 -9.55 29.05 -6.16
N PRO B 202 -8.70 28.50 -5.28
CA PRO B 202 -7.28 28.65 -5.48
C PRO B 202 -6.74 27.71 -6.53
N GLY B 203 -7.50 26.66 -6.90
CA GLY B 203 -7.08 25.75 -7.96
C GLY B 203 -7.46 26.20 -9.36
N SER B 204 -6.57 25.94 -10.34
CA SER B 204 -6.70 26.40 -11.76
C SER B 204 -7.98 26.04 -12.53
N ILE B 205 -8.62 24.91 -12.23
CA ILE B 205 -9.95 24.67 -12.80
C ILE B 205 -10.83 24.00 -11.76
N CYS B 206 -10.70 24.42 -10.52
CA CYS B 206 -11.59 23.91 -9.51
C CYS B 206 -13.08 24.21 -9.83
N THR B 207 -13.93 23.49 -9.11
CA THR B 207 -15.37 23.67 -9.08
C THR B 207 -15.90 25.09 -8.81
N THR B 208 -15.45 25.69 -7.74
CA THR B 208 -15.83 27.06 -7.47
C THR B 208 -15.69 27.97 -8.72
N ARG B 209 -14.55 27.88 -9.40
CA ARG B 209 -14.30 28.72 -10.55
C ARG B 209 -15.25 28.48 -11.68
N ILE B 210 -15.43 27.23 -12.07
CA ILE B 210 -16.24 26.88 -13.20
C ILE B 210 -17.69 27.24 -12.91
N VAL B 211 -18.16 27.01 -11.69
CA VAL B 211 -19.59 27.08 -11.42
C VAL B 211 -20.00 28.51 -11.04
N THR B 212 -19.19 29.17 -10.24
CA THR B 212 -19.53 30.48 -9.73
C THR B 212 -18.85 31.64 -10.53
N GLY B 213 -17.68 31.36 -11.13
CA GLY B 213 -16.80 32.34 -11.82
C GLY B 213 -15.92 33.15 -10.86
N VAL B 214 -15.91 32.77 -9.58
CA VAL B 214 -15.22 33.49 -8.54
C VAL B 214 -13.97 32.75 -8.15
N GLY B 215 -12.92 33.48 -7.86
CA GLY B 215 -11.65 32.88 -7.51
C GLY B 215 -10.52 33.89 -7.49
N VAL B 216 -9.49 33.60 -6.71
CA VAL B 216 -8.26 34.40 -6.76
C VAL B 216 -7.02 33.53 -6.77
N PRO B 217 -6.18 33.65 -7.81
CA PRO B 217 -4.90 32.94 -7.84
C PRO B 217 -4.10 33.07 -6.57
N GLN B 218 -3.55 31.95 -6.15
CA GLN B 218 -3.24 31.76 -4.74
C GLN B 218 -2.02 32.53 -4.29
N ILE B 219 -1.05 32.77 -5.19
CA ILE B 219 0.14 33.55 -4.78
C ILE B 219 -0.24 34.99 -4.41
N THR B 220 -1.05 35.63 -5.26
CA THR B 220 -1.59 36.98 -4.97
C THR B 220 -2.47 36.96 -3.72
N ALA B 221 -3.25 35.89 -3.56
CA ALA B 221 -4.19 35.77 -2.43
C ALA B 221 -3.42 35.71 -1.16
N ILE B 222 -2.35 34.92 -1.14
CA ILE B 222 -1.47 34.84 0.03
C ILE B 222 -0.83 36.18 0.31
N ALA B 223 -0.21 36.78 -0.70
CA ALA B 223 0.53 38.05 -0.53
C ALA B 223 -0.36 39.20 -0.10
N ASP B 224 -1.54 39.32 -0.67
CA ASP B 224 -2.49 40.34 -0.27
C ASP B 224 -2.90 40.14 1.19
N ALA B 225 -3.33 38.94 1.54
CA ALA B 225 -3.65 38.59 2.95
C ALA B 225 -2.48 38.86 3.92
N ALA B 226 -1.27 38.48 3.53
CA ALA B 226 -0.10 38.62 4.39
C ALA B 226 0.28 40.07 4.54
N GLY B 227 0.11 40.85 3.47
CA GLY B 227 0.39 42.28 3.53
C GLY B 227 -0.31 42.95 4.71
N VAL B 228 -1.53 42.54 4.99
CA VAL B 228 -2.29 43.04 6.11
C VAL B 228 -1.89 42.32 7.37
N ALA B 229 -2.01 41.00 7.34
CA ALA B 229 -1.77 40.19 8.54
C ALA B 229 -0.40 40.39 9.19
N ASN B 230 0.64 40.63 8.38
CA ASN B 230 1.99 40.86 8.89
C ASN B 230 1.98 42.05 9.85
N GLU B 231 1.20 43.08 9.57
CA GLU B 231 1.21 44.30 10.39
C GLU B 231 0.70 44.03 11.81
N TYR B 232 -0.06 42.96 12.02
CA TYR B 232 -0.61 42.59 13.32
C TYR B 232 0.13 41.40 13.96
N GLY B 233 1.18 40.90 13.28
CA GLY B 233 1.86 39.66 13.72
C GLY B 233 0.96 38.42 13.71
N ILE B 234 0.01 38.37 12.76
CA ILE B 234 -0.89 37.21 12.62
C ILE B 234 -0.54 36.30 11.42
N PRO B 235 -0.30 35.03 11.68
CA PRO B 235 0.06 34.10 10.61
C PRO B 235 -1.00 33.94 9.55
N VAL B 236 -0.59 33.75 8.30
CA VAL B 236 -1.45 33.35 7.20
C VAL B 236 -1.16 31.87 6.88
N ILE B 237 -2.23 31.10 6.69
CA ILE B 237 -2.19 29.67 6.41
C ILE B 237 -2.68 29.51 4.97
N ALA B 238 -1.86 28.96 4.09
CA ALA B 238 -2.22 28.83 2.69
C ALA B 238 -3.00 27.48 2.51
N ASP B 239 -4.23 27.53 2.02
CA ASP B 239 -5.14 26.39 1.93
C ASP B 239 -5.65 26.26 0.49
N GLY B 240 -4.94 25.50 -0.30
CA GLY B 240 -5.43 25.04 -1.60
C GLY B 240 -4.45 25.30 -2.74
N GLY B 241 -4.52 24.42 -3.76
CA GLY B 241 -3.82 24.66 -5.03
C GLY B 241 -2.39 24.15 -4.99
N ILE B 242 -2.00 23.56 -3.86
CA ILE B 242 -0.71 22.95 -3.70
C ILE B 242 -0.63 21.53 -4.29
N ARG B 243 0.04 21.39 -5.41
CA ARG B 243 0.25 20.10 -6.04
C ARG B 243 1.62 19.44 -5.75
N PHE B 244 2.69 20.24 -5.63
CA PHE B 244 4.08 19.76 -5.54
C PHE B 244 4.77 20.37 -4.35
N SER B 245 5.90 19.80 -3.93
CA SER B 245 6.64 20.37 -2.81
C SER B 245 7.07 21.81 -3.11
N GLY B 246 7.36 22.08 -4.38
CA GLY B 246 7.75 23.43 -4.80
C GLY B 246 6.68 24.49 -4.57
N ASP B 247 5.41 24.10 -4.54
CA ASP B 247 4.33 25.03 -4.30
C ASP B 247 4.28 25.38 -2.83
N ILE B 248 4.77 24.49 -1.97
CA ILE B 248 4.93 24.85 -0.53
C ILE B 248 5.93 25.98 -0.38
N SER B 249 7.08 25.87 -1.01
CA SER B 249 8.12 26.91 -0.92
C SER B 249 7.52 28.25 -1.36
N LYS B 250 6.86 28.23 -2.52
CA LYS B 250 6.25 29.45 -3.05
C LYS B 250 5.15 30.01 -2.14
N ALA B 251 4.27 29.16 -1.64
CA ALA B 251 3.22 29.61 -0.72
C ALA B 251 3.86 30.38 0.47
N ILE B 252 4.92 29.81 1.03
CA ILE B 252 5.59 30.43 2.17
C ILE B 252 6.23 31.74 1.74
N ALA B 253 6.98 31.76 0.63
CA ALA B 253 7.63 33.01 0.15
C ALA B 253 6.60 34.07 -0.21
N ALA B 254 5.41 33.64 -0.60
CA ALA B 254 4.35 34.63 -0.85
C ALA B 254 3.82 35.27 0.45
N GLY B 255 4.19 34.72 1.63
CA GLY B 255 3.68 35.24 2.90
C GLY B 255 3.12 34.25 3.91
N ALA B 256 2.83 33.05 3.47
CA ALA B 256 2.22 32.06 4.35
C ALA B 256 3.22 31.58 5.43
N SER B 257 2.75 31.42 6.65
CA SER B 257 3.57 30.82 7.69
C SER B 257 3.58 29.32 7.60
N CYS B 258 2.48 28.73 7.12
CA CYS B 258 2.39 27.31 6.88
C CYS B 258 1.31 26.96 5.86
N VAL B 259 1.23 25.66 5.48
CA VAL B 259 0.28 25.22 4.49
C VAL B 259 -0.66 24.16 5.07
N MET B 260 -1.92 24.23 4.69
CA MET B 260 -2.88 23.23 5.04
C MET B 260 -2.95 22.35 3.81
N VAL B 261 -2.82 21.04 4.00
CA VAL B 261 -2.98 20.09 2.91
C VAL B 261 -4.01 19.05 3.24
N GLY B 262 -4.65 18.52 2.21
CA GLY B 262 -5.69 17.55 2.40
C GLY B 262 -5.46 16.29 1.60
N SER B 263 -5.70 16.37 0.31
CA SER B 263 -5.69 15.22 -0.50
C SER B 263 -4.26 14.63 -0.55
N MET B 264 -3.24 15.42 -0.31
CA MET B 264 -1.88 14.90 -0.21
C MET B 264 -1.78 13.86 0.92
N PHE B 265 -2.58 13.99 1.99
CA PHE B 265 -2.53 13.07 3.12
C PHE B 265 -3.62 11.99 3.07
N ALA B 266 -4.67 12.22 2.29
CA ALA B 266 -5.72 11.24 2.21
C ALA B 266 -5.10 10.00 1.60
N GLY B 267 -5.48 8.83 2.09
CA GLY B 267 -4.95 7.59 1.53
C GLY B 267 -3.71 7.06 2.22
N THR B 268 -3.19 7.81 3.18
CA THR B 268 -2.08 7.37 4.00
C THR B 268 -2.61 6.36 5.00
N GLU B 269 -1.69 5.59 5.57
CA GLU B 269 -2.00 4.53 6.50
C GLU B 269 -2.80 5.10 7.67
N GLU B 270 -2.37 6.27 8.15
CA GLU B 270 -2.97 6.89 9.32
C GLU B 270 -4.30 7.63 9.03
N ALA B 271 -4.56 7.98 7.76
CA ALA B 271 -5.80 8.64 7.42
C ALA B 271 -7.01 7.70 7.61
N PRO B 272 -8.23 8.26 7.71
CA PRO B 272 -9.44 7.46 7.86
C PRO B 272 -9.60 6.49 6.71
N GLY B 273 -10.41 5.47 6.93
CA GLY B 273 -10.75 4.51 5.86
C GLY B 273 -10.02 3.16 5.96
N GLU B 274 -10.57 2.14 5.31
CA GLU B 274 -9.88 0.83 5.32
CA GLU B 274 -10.03 0.75 5.26
C GLU B 274 -9.12 0.57 4.02
N VAL B 275 -7.98 -0.09 4.15
CA VAL B 275 -7.20 -0.43 2.96
C VAL B 275 -7.93 -1.60 2.30
N ILE B 276 -8.21 -1.49 1.02
CA ILE B 276 -8.76 -2.62 0.29
C ILE B 276 -7.98 -2.85 -0.99
N LEU B 277 -8.14 -4.04 -1.52
CA LEU B 277 -7.39 -4.44 -2.67
C LEU B 277 -8.37 -4.49 -3.85
N TYR B 278 -7.99 -3.83 -4.94
CA TYR B 278 -8.88 -3.71 -6.08
C TYR B 278 -8.11 -3.75 -7.37
N GLN B 279 -8.32 -4.82 -8.13
CA GLN B 279 -7.67 -5.01 -9.40
C GLN B 279 -6.17 -4.80 -9.28
N GLY B 280 -5.55 -5.59 -8.39
CA GLY B 280 -4.09 -5.55 -8.20
C GLY B 280 -3.49 -4.37 -7.46
N ARG B 281 -4.28 -3.38 -7.09
CA ARG B 281 -3.75 -2.17 -6.41
C ARG B 281 -4.43 -1.88 -5.09
N SER B 282 -3.79 -1.03 -4.30
CA SER B 282 -4.28 -0.74 -2.98
C SER B 282 -4.91 0.60 -2.96
N TYR B 283 -6.03 0.67 -2.25
CA TYR B 283 -6.82 1.89 -2.15
C TYR B 283 -7.32 2.02 -0.72
N LYS B 284 -7.63 3.25 -0.31
CA LYS B 284 -8.49 3.42 0.86
C LYS B 284 -9.93 3.60 0.44
N ALA B 285 -10.82 2.96 1.19
CA ALA B 285 -12.27 2.96 0.96
C ALA B 285 -12.97 3.50 2.21
N TYR B 286 -14.10 4.21 2.01
CA TYR B 286 -14.93 4.72 3.13
C TYR B 286 -16.38 4.24 2.98
N GLY B 320 -15.72 6.45 -4.58
CA GLY B 320 -15.39 6.51 -3.16
C GLY B 320 -14.07 5.81 -2.82
N ARG B 321 -13.05 6.04 -3.66
CA ARG B 321 -11.69 5.47 -3.42
C ARG B 321 -10.45 6.26 -3.94
N ILE B 322 -9.39 6.12 -3.14
CA ILE B 322 -8.22 6.99 -3.11
C ILE B 322 -6.99 6.06 -3.02
N ALA B 323 -6.00 6.24 -3.90
CA ALA B 323 -4.76 5.43 -3.94
C ALA B 323 -4.09 5.39 -2.56
N TYR B 324 -3.61 4.22 -2.14
CA TYR B 324 -2.93 4.04 -0.86
C TYR B 324 -1.54 4.66 -0.91
N LYS B 325 -1.17 5.44 0.10
CA LYS B 325 0.09 6.18 -0.01
C LYS B 325 1.15 5.80 0.98
N GLY B 326 0.88 4.81 1.79
CA GLY B 326 1.78 4.40 2.85
C GLY B 326 1.72 5.32 4.03
N HIS B 327 2.81 5.33 4.79
CA HIS B 327 2.86 6.06 6.03
C HIS B 327 3.06 7.52 5.81
N LEU B 328 2.36 8.28 6.63
CA LEU B 328 2.43 9.73 6.58
C LEU B 328 3.85 10.27 6.70
N LYS B 329 4.72 9.66 7.51
CA LYS B 329 6.03 10.28 7.73
C LYS B 329 6.87 10.34 6.47
N GLU B 330 6.68 9.38 5.59
CA GLU B 330 7.40 9.34 4.31
CA GLU B 330 7.46 9.40 4.35
C GLU B 330 6.97 10.51 3.40
N ILE B 331 5.69 10.84 3.39
CA ILE B 331 5.23 11.94 2.53
C ILE B 331 5.78 13.26 3.10
N ILE B 332 5.70 13.40 4.41
CA ILE B 332 6.26 14.56 5.08
C ILE B 332 7.74 14.69 4.75
N HIS B 333 8.48 13.59 4.88
CA HIS B 333 9.90 13.61 4.63
C HIS B 333 10.22 14.08 3.22
N GLN B 334 9.43 13.67 2.25
CA GLN B 334 9.68 14.08 0.85
C GLN B 334 9.33 15.55 0.65
N GLN B 335 8.20 16.01 1.17
CA GLN B 335 7.76 17.38 0.91
C GLN B 335 8.69 18.38 1.58
N MET B 336 9.05 18.09 2.82
CA MET B 336 9.95 18.94 3.58
C MET B 336 11.35 18.83 3.04
N GLY B 337 11.68 17.70 2.43
CA GLY B 337 12.97 17.55 1.77
C GLY B 337 13.11 18.61 0.68
N GLY B 338 12.05 18.82 -0.09
CA GLY B 338 12.09 19.82 -1.13
C GLY B 338 12.14 21.26 -0.61
N LEU B 339 11.42 21.51 0.48
CA LEU B 339 11.45 22.85 1.12
C LEU B 339 12.87 23.11 1.63
N ARG B 340 13.50 22.10 2.20
CA ARG B 340 14.83 22.30 2.70
C ARG B 340 15.78 22.66 1.55
N SER B 341 15.69 21.93 0.44
CA SER B 341 16.49 22.31 -0.74
C SER B 341 16.27 23.73 -1.18
N CYS B 342 15.02 24.13 -1.33
CA CYS B 342 14.68 25.52 -1.57
C CYS B 342 15.40 26.49 -0.61
N MET B 343 15.36 26.18 0.66
CA MET B 343 15.94 27.00 1.67
C MET B 343 17.42 27.15 1.46
N GLY B 344 18.06 26.06 1.13
CA GLY B 344 19.47 26.06 0.76
C GLY B 344 19.73 26.94 -0.43
N LEU B 345 18.90 26.84 -1.46
CA LEU B 345 19.15 27.61 -2.69
C LEU B 345 18.90 29.15 -2.50
N THR B 346 17.89 29.49 -1.70
CA THR B 346 17.51 30.87 -1.47
C THR B 346 18.21 31.48 -0.26
N GLY B 347 19.03 30.69 0.43
CA GLY B 347 19.79 31.16 1.57
C GLY B 347 18.92 31.53 2.77
N SER B 348 17.76 30.89 2.90
CA SER B 348 16.84 31.17 4.03
C SER B 348 17.17 30.18 5.16
N ALA B 349 17.68 30.70 6.27
CA ALA B 349 18.02 29.90 7.44
C ALA B 349 16.76 29.41 8.12
N THR B 350 15.69 30.21 8.08
CA THR B 350 14.49 29.91 8.83
C THR B 350 13.34 30.15 7.88
N VAL B 351 12.17 29.65 8.25
CA VAL B 351 10.96 29.86 7.50
C VAL B 351 10.62 31.34 7.37
N GLU B 352 10.87 32.07 8.44
CA GLU B 352 10.65 33.48 8.45
C GLU B 352 11.54 34.19 7.40
N ASP B 353 12.79 33.79 7.25
CA ASP B 353 13.58 34.34 6.13
C ASP B 353 12.96 34.06 4.77
N LEU B 354 12.51 32.85 4.53
CA LEU B 354 11.92 32.53 3.25
C LEU B 354 10.64 33.37 3.05
N ARG B 355 9.85 33.47 4.12
CA ARG B 355 8.56 34.16 4.08
C ARG B 355 8.64 35.66 3.87
N THR B 356 9.74 36.29 4.35
CA THR B 356 9.85 37.78 4.32
C THR B 356 10.94 38.30 3.41
N LYS B 357 11.94 37.48 3.04
CA LYS B 357 13.04 38.00 2.20
C LYS B 357 13.21 37.40 0.80
N ALA B 358 12.81 36.14 0.58
CA ALA B 358 13.16 35.50 -0.70
C ALA B 358 12.44 36.23 -1.85
N GLN B 359 13.05 36.29 -3.02
CA GLN B 359 12.41 36.89 -4.16
C GLN B 359 11.91 35.91 -5.21
N PHE B 360 10.91 36.34 -5.94
CA PHE B 360 10.41 35.61 -7.09
C PHE B 360 10.85 36.27 -8.38
N VAL B 361 10.83 35.50 -9.48
CA VAL B 361 10.73 36.06 -10.81
C VAL B 361 9.40 35.60 -11.38
N ARG B 362 8.86 36.41 -12.25
CA ARG B 362 7.62 36.09 -12.95
CA ARG B 362 7.61 36.11 -12.95
C ARG B 362 7.98 35.47 -14.30
N ILE B 363 7.27 34.41 -14.68
CA ILE B 363 7.56 33.74 -15.91
C ILE B 363 6.32 33.71 -16.83
N SER B 364 6.55 33.45 -18.11
CA SER B 364 5.44 33.32 -19.06
C SER B 364 4.95 31.87 -19.08
N GLY B 365 3.94 31.58 -19.88
CA GLY B 365 3.59 30.16 -20.09
C GLY B 365 4.68 29.31 -20.80
N ALA B 366 5.43 29.95 -21.69
CA ALA B 366 6.40 29.27 -22.53
C ALA B 366 7.66 28.90 -21.73
#